data_7DVL
#
_entry.id   7DVL
#
_cell.length_a   66.250
_cell.length_b   97.420
_cell.length_c   141.250
_cell.angle_alpha   90.00
_cell.angle_beta   90.00
_cell.angle_gamma   90.00
#
_symmetry.space_group_name_H-M   'P 21 21 21'
#
loop_
_entity.id
_entity.type
_entity.pdbx_description
1 polymer Bont/A3
2 non-polymer 'ZINC ION'
3 water water
#
_entity_poly.entity_id   1
_entity_poly.type   'polypeptide(L)'
_entity_poly.pdbx_seq_one_letter_code
;GSMPFVNKQFNYRDPVNGVDIAYIKIPNAGQMQPVKAFKIHEGVWVIPERDTFTNPEEGDLNPPPEAKQVPVSYYDSTYL
STDNEKDNYLKGVIKLFDRIYSTGLGRMLLSFIVKGIPFWGGSTIDTELKVIDTNCINVIEPGGSYRSEELNLVITGPSA
DIIQFECKSFGHDVFNLTRNGYGSTQYIRFSPDFTFGFEESLEVDTNPLLGAGTFATDPAVTLAHQLIHAAHRLYGIAIN
PNRVLKVKTNAYYEMSGLEVSFEELRTFGGNDTNFIDSLWQKKFSRDAYDNLQNIARILNEAKTIVGTTTPLQYMKNIFI
RKYFLSEDASGKISVNKAAFKEFYRVLTRGFTELEFVNPFKVINRKTFLNFDKAVFRINIVPDENYTINEGFNLEGANSN
GQNTEINSRNFTRLKNFTG
;
_entity_poly.pdbx_strand_id   A,B
#
# COMPACT_ATOMS: atom_id res chain seq x y z
N SER A 2 -25.58 -0.11 27.87
CA SER A 2 -24.40 0.34 28.62
C SER A 2 -23.24 -0.62 28.41
N MET A 3 -23.55 -1.81 27.94
CA MET A 3 -22.51 -2.73 27.51
C MET A 3 -21.75 -2.11 26.35
N PRO A 4 -20.43 -2.05 26.38
CA PRO A 4 -19.70 -1.44 25.27
C PRO A 4 -19.51 -2.41 24.13
N PHE A 5 -19.36 -1.84 22.92
CA PHE A 5 -19.00 -2.65 21.76
C PHE A 5 -17.54 -3.05 21.81
N VAL A 6 -16.68 -2.15 22.30
CA VAL A 6 -15.24 -2.36 22.33
C VAL A 6 -14.86 -2.68 23.76
N ASN A 7 -14.45 -3.94 24.00
CA ASN A 7 -14.35 -4.50 25.33
C ASN A 7 -13.00 -4.28 26.00
N LYS A 8 -12.10 -3.52 25.38
CA LYS A 8 -10.83 -3.19 26.02
C LYS A 8 -10.40 -1.81 25.56
N GLN A 9 -9.47 -1.22 26.30
CA GLN A 9 -8.96 0.10 25.95
C GLN A 9 -7.88 -0.04 24.90
N PHE A 10 -7.91 0.85 23.91
CA PHE A 10 -6.88 0.91 22.88
C PHE A 10 -6.24 2.30 22.89
N ASN A 11 -4.92 2.33 22.83
CA ASN A 11 -4.18 3.55 22.60
C ASN A 11 -3.34 3.35 21.35
N TYR A 12 -3.26 4.40 20.51
CA TYR A 12 -2.55 4.25 19.25
C TYR A 12 -1.14 3.74 19.45
N ARG A 13 -0.49 4.14 20.55
CA ARG A 13 0.89 3.78 20.81
C ARG A 13 1.04 2.42 21.48
N ASP A 14 -0.04 1.68 21.71
CA ASP A 14 0.10 0.34 22.26
C ASP A 14 0.97 -0.50 21.32
N PRO A 15 1.85 -1.34 21.85
CA PRO A 15 2.70 -2.14 20.96
C PRO A 15 1.89 -3.17 20.20
N VAL A 16 2.26 -3.38 18.93
CA VAL A 16 1.60 -4.41 18.14
C VAL A 16 1.77 -5.76 18.84
N ASN A 17 0.80 -6.64 18.62
CA ASN A 17 0.86 -7.99 19.16
C ASN A 17 0.46 -9.06 18.15
N GLY A 18 0.11 -8.68 16.92
CA GLY A 18 -0.25 -9.64 15.90
C GLY A 18 -1.64 -10.23 16.04
N VAL A 19 -2.38 -9.86 17.08
CA VAL A 19 -3.70 -10.43 17.33
C VAL A 19 -4.77 -9.36 17.11
N ASP A 20 -4.77 -8.31 17.96
CA ASP A 20 -5.71 -7.22 17.80
C ASP A 20 -5.05 -5.87 17.63
N ILE A 21 -3.72 -5.80 17.67
CA ILE A 21 -2.96 -4.62 17.27
C ILE A 21 -1.84 -5.12 16.37
N ALA A 22 -1.88 -4.75 15.10
CA ALA A 22 -0.94 -5.32 14.15
C ALA A 22 -0.74 -4.38 12.97
N TYR A 23 0.41 -4.53 12.32
CA TYR A 23 0.61 -3.93 11.01
C TYR A 23 0.00 -4.86 9.98
N ILE A 24 -0.77 -4.30 9.05
CA ILE A 24 -1.52 -5.10 8.09
C ILE A 24 -1.32 -4.51 6.70
N LYS A 25 -1.59 -5.34 5.70
CA LYS A 25 -1.66 -4.90 4.32
C LYS A 25 -2.95 -5.42 3.70
N ILE A 26 -3.52 -4.64 2.81
CA ILE A 26 -4.77 -4.97 2.13
C ILE A 26 -4.41 -5.66 0.81
N PRO A 27 -4.83 -6.90 0.58
CA PRO A 27 -4.30 -7.65 -0.58
C PRO A 27 -4.54 -7.00 -1.93
N ASN A 28 -5.68 -6.36 -2.13
CA ASN A 28 -5.95 -5.76 -3.44
C ASN A 28 -5.21 -4.45 -3.65
N ALA A 29 -4.58 -3.90 -2.62
CA ALA A 29 -3.77 -2.70 -2.74
C ALA A 29 -2.30 -3.09 -2.92
N GLY A 30 -1.80 -2.94 -4.15
CA GLY A 30 -0.51 -3.51 -4.49
C GLY A 30 0.67 -2.75 -3.89
N GLN A 31 0.58 -1.42 -3.85
CA GLN A 31 1.73 -0.55 -3.62
C GLN A 31 1.85 -0.05 -2.19
N MET A 32 1.17 -0.66 -1.24
CA MET A 32 1.11 -0.10 0.10
C MET A 32 2.20 -0.65 1.03
N GLN A 33 2.65 0.23 1.97
CA GLN A 33 3.47 -0.13 3.12
C GLN A 33 2.54 -0.53 4.26
N PRO A 34 2.96 -1.41 5.18
CA PRO A 34 2.03 -1.84 6.23
C PRO A 34 1.60 -0.67 7.10
N VAL A 35 0.36 -0.76 7.59
CA VAL A 35 -0.24 0.27 8.42
C VAL A 35 -0.71 -0.36 9.72
N LYS A 36 -0.59 0.39 10.82
CA LYS A 36 -0.98 -0.09 12.13
C LYS A 36 -2.50 -0.08 12.23
N ALA A 37 -3.08 -1.21 12.64
CA ALA A 37 -4.52 -1.37 12.68
C ALA A 37 -4.92 -2.05 13.98
N PHE A 38 -6.17 -1.80 14.38
CA PHE A 38 -6.69 -2.20 15.68
C PHE A 38 -7.98 -2.97 15.47
N LYS A 39 -8.03 -4.20 15.99
CA LYS A 39 -9.22 -5.04 15.87
C LYS A 39 -10.09 -4.77 17.10
N ILE A 40 -11.07 -3.86 16.94
CA ILE A 40 -11.86 -3.40 18.08
C ILE A 40 -12.98 -4.35 18.45
N HIS A 41 -13.27 -5.35 17.62
CA HIS A 41 -14.33 -6.32 17.85
C HIS A 41 -14.11 -7.43 16.84
N GLU A 42 -14.66 -8.60 17.12
CA GLU A 42 -14.61 -9.69 16.16
C GLU A 42 -15.00 -9.17 14.77
N GLY A 43 -14.07 -9.26 13.83
CA GLY A 43 -14.34 -8.91 12.45
C GLY A 43 -14.29 -7.43 12.11
N VAL A 44 -13.93 -6.56 13.03
CA VAL A 44 -13.99 -5.11 12.81
C VAL A 44 -12.64 -4.50 13.14
N TRP A 45 -12.01 -3.88 12.15
CA TRP A 45 -10.70 -3.26 12.30
C TRP A 45 -10.82 -1.76 12.03
N VAL A 46 -9.99 -0.99 12.73
CA VAL A 46 -9.88 0.44 12.53
C VAL A 46 -8.45 0.76 12.12
N ILE A 47 -8.29 1.46 11.01
CA ILE A 47 -6.99 1.93 10.56
C ILE A 47 -6.99 3.45 10.69
N PRO A 48 -6.42 4.00 11.75
CA PRO A 48 -6.43 5.47 11.91
C PRO A 48 -5.38 6.15 11.04
N GLU A 49 -5.54 6.02 9.72
CA GLU A 49 -4.69 6.69 8.76
C GLU A 49 -5.55 7.29 7.64
N ARG A 50 -5.01 8.30 6.96
CA ARG A 50 -5.65 8.77 5.74
C ARG A 50 -5.56 7.65 4.71
N ASP A 51 -6.65 7.45 3.97
CA ASP A 51 -6.71 6.33 3.04
C ASP A 51 -6.03 6.72 1.74
N THR A 52 -4.76 6.35 1.62
CA THR A 52 -4.01 6.48 0.36
C THR A 52 -3.74 5.13 -0.29
N PHE A 53 -4.35 4.05 0.20
CA PHE A 53 -3.92 2.70 -0.16
C PHE A 53 -5.01 1.81 -0.77
N THR A 54 -6.30 2.02 -0.46
CA THR A 54 -7.31 1.15 -1.04
C THR A 54 -7.47 1.37 -2.54
N ASN A 55 -7.20 2.58 -3.03
CA ASN A 55 -7.41 2.92 -4.44
C ASN A 55 -6.12 3.52 -5.00
N PRO A 56 -5.53 2.93 -6.04
CA PRO A 56 -4.29 3.51 -6.59
C PRO A 56 -4.44 4.94 -7.07
N GLU A 57 -5.60 5.31 -7.63
CA GLU A 57 -5.77 6.67 -8.14
C GLU A 57 -5.84 7.69 -7.01
N GLU A 58 -6.47 7.33 -5.89
CA GLU A 58 -6.60 8.22 -4.74
C GLU A 58 -5.47 8.06 -3.74
N GLY A 59 -4.25 7.87 -4.22
CA GLY A 59 -3.10 7.66 -3.37
C GLY A 59 -2.40 8.90 -2.87
N ASP A 60 -3.01 10.09 -3.04
CA ASP A 60 -2.43 11.33 -2.56
C ASP A 60 -3.50 12.16 -1.88
N LEU A 61 -3.06 13.16 -1.10
CA LEU A 61 -3.97 14.03 -0.35
C LEU A 61 -4.00 15.46 -0.90
N ASN A 62 -3.57 15.66 -2.14
CA ASN A 62 -3.51 17.00 -2.70
C ASN A 62 -4.92 17.54 -2.96
N PRO A 63 -5.25 18.76 -2.53
CA PRO A 63 -6.52 19.38 -2.91
C PRO A 63 -6.55 19.74 -4.38
N PRO A 64 -7.57 19.32 -5.13
CA PRO A 64 -7.66 19.70 -6.55
C PRO A 64 -7.77 21.20 -6.72
N PRO A 65 -7.55 21.70 -7.94
CA PRO A 65 -7.77 23.13 -8.20
C PRO A 65 -9.21 23.54 -7.91
N GLU A 66 -9.38 24.80 -7.50
CA GLU A 66 -10.68 25.29 -7.06
C GLU A 66 -11.79 24.99 -8.06
N ALA A 67 -11.49 25.09 -9.36
CA ALA A 67 -12.54 24.90 -10.36
C ALA A 67 -13.03 23.45 -10.43
N LYS A 68 -12.21 22.49 -10.01
CA LYS A 68 -12.59 21.08 -10.01
C LYS A 68 -13.15 20.60 -8.69
N GLN A 69 -13.18 21.46 -7.67
CA GLN A 69 -13.74 21.08 -6.38
C GLN A 69 -15.25 21.25 -6.41
N VAL A 70 -15.94 20.39 -5.67
CA VAL A 70 -17.39 20.55 -5.50
C VAL A 70 -17.58 21.43 -4.28
N PRO A 71 -18.68 22.18 -4.18
CA PRO A 71 -18.89 23.01 -2.99
C PRO A 71 -18.86 22.20 -1.71
N VAL A 72 -19.47 21.02 -1.72
CA VAL A 72 -19.55 20.18 -0.50
C VAL A 72 -18.29 19.32 -0.50
N SER A 73 -17.21 19.91 0.02
CA SER A 73 -15.96 19.20 0.20
C SER A 73 -15.10 20.01 1.16
N TYR A 74 -14.10 19.34 1.75
CA TYR A 74 -13.14 20.00 2.62
C TYR A 74 -11.81 19.29 2.53
N TYR A 75 -10.73 20.06 2.38
CA TYR A 75 -9.39 19.53 2.21
C TYR A 75 -8.45 20.07 3.29
N ASP A 76 -7.61 19.17 3.83
CA ASP A 76 -6.55 19.54 4.77
C ASP A 76 -5.52 18.41 4.73
N SER A 77 -4.47 18.60 3.94
CA SER A 77 -3.51 17.52 3.72
C SER A 77 -2.80 17.08 4.99
N THR A 78 -2.81 17.90 6.04
CA THR A 78 -2.10 17.57 7.27
C THR A 78 -2.96 16.84 8.30
N TYR A 79 -4.27 16.73 8.08
CA TYR A 79 -5.13 16.08 9.06
C TYR A 79 -4.78 14.60 9.19
N LEU A 80 -4.67 14.14 10.44
CA LEU A 80 -4.42 12.73 10.76
C LEU A 80 -2.98 12.35 10.39
N SER A 81 -2.05 13.26 10.59
CA SER A 81 -0.64 13.00 10.31
C SER A 81 0.19 12.68 11.56
N THR A 82 -0.26 13.09 12.74
CA THR A 82 0.51 12.90 13.96
C THR A 82 -0.10 11.79 14.81
N ASP A 83 0.73 11.24 15.69
CA ASP A 83 0.27 10.15 16.54
C ASP A 83 -0.83 10.61 17.50
N ASN A 84 -0.72 11.85 18.00
CA ASN A 84 -1.79 12.38 18.84
C ASN A 84 -3.10 12.42 18.09
N GLU A 85 -3.06 12.79 16.80
CA GLU A 85 -4.28 12.80 16.00
C GLU A 85 -4.82 11.40 15.79
N LYS A 86 -3.94 10.43 15.50
CA LYS A 86 -4.39 9.07 15.25
C LYS A 86 -4.97 8.45 16.51
N ASP A 87 -4.36 8.72 17.66
CA ASP A 87 -4.93 8.26 18.93
C ASP A 87 -6.32 8.86 19.14
N ASN A 88 -6.46 10.16 18.89
CA ASN A 88 -7.76 10.80 19.04
C ASN A 88 -8.78 10.26 18.05
N TYR A 89 -8.33 9.97 16.82
CA TYR A 89 -9.21 9.37 15.83
C TYR A 89 -9.67 7.99 16.28
N LEU A 90 -8.73 7.15 16.73
CA LEU A 90 -9.09 5.81 17.21
C LEU A 90 -10.10 5.88 18.34
N LYS A 91 -9.86 6.75 19.33
CA LYS A 91 -10.77 6.82 20.48
C LYS A 91 -12.12 7.36 20.07
N GLY A 92 -12.17 8.30 19.12
CA GLY A 92 -13.44 8.83 18.68
C GLY A 92 -14.27 7.81 17.93
N VAL A 93 -13.64 7.03 17.06
CA VAL A 93 -14.35 5.99 16.33
C VAL A 93 -14.88 4.93 17.30
N ILE A 94 -14.03 4.52 18.26
CA ILE A 94 -14.45 3.55 19.27
C ILE A 94 -15.67 4.07 20.03
N LYS A 95 -15.63 5.35 20.40
CA LYS A 95 -16.73 5.93 21.16
C LYS A 95 -18.03 5.92 20.38
N LEU A 96 -17.96 6.12 19.04
CA LEU A 96 -19.18 6.10 18.24
C LEU A 96 -19.75 4.70 18.12
N PHE A 97 -18.89 3.69 17.95
CA PHE A 97 -19.36 2.32 17.98
C PHE A 97 -20.05 2.01 19.30
N ASP A 98 -19.46 2.49 20.41
CA ASP A 98 -20.10 2.30 21.71
C ASP A 98 -21.43 3.02 21.79
N ARG A 99 -21.52 4.22 21.19
CA ARG A 99 -22.78 4.96 21.19
C ARG A 99 -23.83 4.23 20.37
N ILE A 100 -23.46 3.77 19.17
CA ILE A 100 -24.38 2.98 18.36
C ILE A 100 -24.83 1.75 19.12
N TYR A 101 -23.89 1.04 19.73
CA TYR A 101 -24.19 -0.22 20.42
C TYR A 101 -25.03 -0.02 21.68
N SER A 102 -25.12 1.20 22.21
CA SER A 102 -25.93 1.44 23.41
C SER A 102 -27.42 1.52 23.12
N THR A 103 -27.82 1.59 21.86
CA THR A 103 -29.23 1.58 21.49
C THR A 103 -29.63 0.17 21.04
N GLY A 104 -30.90 -0.16 21.25
CA GLY A 104 -31.39 -1.45 20.79
C GLY A 104 -31.18 -1.65 19.30
N LEU A 105 -31.44 -0.61 18.50
CA LEU A 105 -31.32 -0.74 17.06
C LEU A 105 -29.86 -0.83 16.63
N GLY A 106 -28.99 -0.04 17.26
CA GLY A 106 -27.58 -0.13 16.94
C GLY A 106 -26.97 -1.46 17.33
N ARG A 107 -27.41 -2.01 18.46
CA ARG A 107 -26.97 -3.35 18.84
C ARG A 107 -27.35 -4.37 17.78
N MET A 108 -28.57 -4.27 17.24
CA MET A 108 -28.98 -5.18 16.19
C MET A 108 -28.17 -4.97 14.91
N LEU A 109 -27.92 -3.71 14.54
CA LEU A 109 -27.14 -3.40 13.35
C LEU A 109 -25.73 -3.99 13.46
N LEU A 110 -25.08 -3.78 14.60
CA LEU A 110 -23.71 -4.25 14.76
C LEU A 110 -23.65 -5.77 14.89
N SER A 111 -24.68 -6.41 15.45
CA SER A 111 -24.69 -7.87 15.48
C SER A 111 -24.83 -8.44 14.07
N PHE A 112 -25.69 -7.84 13.25
CA PHE A 112 -25.76 -8.25 11.84
C PHE A 112 -24.41 -8.06 11.15
N ILE A 113 -23.74 -6.94 11.42
CA ILE A 113 -22.46 -6.68 10.77
C ILE A 113 -21.42 -7.71 11.21
N VAL A 114 -21.36 -7.99 12.51
CA VAL A 114 -20.38 -8.96 13.02
C VAL A 114 -20.72 -10.36 12.52
N LYS A 115 -22.01 -10.69 12.42
CA LYS A 115 -22.43 -12.00 11.93
C LYS A 115 -22.32 -12.11 10.41
N GLY A 116 -22.10 -11.00 9.70
CA GLY A 116 -22.26 -10.96 8.27
C GLY A 116 -21.02 -11.37 7.49
N ILE A 117 -20.43 -12.49 7.90
CA ILE A 117 -19.26 -13.09 7.24
C ILE A 117 -19.51 -13.19 5.75
N PRO A 118 -18.65 -12.61 4.89
CA PRO A 118 -18.79 -12.82 3.44
C PRO A 118 -18.81 -14.31 3.11
N PHE A 119 -19.67 -14.67 2.16
CA PHE A 119 -19.92 -16.08 1.89
C PHE A 119 -18.71 -16.75 1.26
N TRP A 120 -18.49 -18.01 1.63
CA TRP A 120 -17.39 -18.83 1.12
C TRP A 120 -17.80 -19.45 -0.22
N GLY A 121 -17.85 -18.61 -1.25
CA GLY A 121 -18.22 -19.05 -2.58
C GLY A 121 -17.08 -18.93 -3.56
N GLY A 122 -15.85 -19.10 -3.10
CA GLY A 122 -14.70 -18.85 -3.95
C GLY A 122 -14.13 -20.05 -4.68
N SER A 123 -14.74 -21.22 -4.57
CA SER A 123 -14.23 -22.41 -5.25
C SER A 123 -14.91 -22.57 -6.59
N THR A 124 -14.16 -23.06 -7.57
CA THR A 124 -14.73 -23.47 -8.84
C THR A 124 -15.41 -24.83 -8.76
N ILE A 125 -15.03 -25.65 -7.78
CA ILE A 125 -15.64 -26.97 -7.61
C ILE A 125 -16.94 -26.80 -6.83
N ASP A 126 -18.00 -27.46 -7.30
CA ASP A 126 -19.33 -27.19 -6.78
C ASP A 126 -19.53 -27.70 -5.36
N THR A 127 -18.88 -28.79 -5.00
CA THR A 127 -19.09 -29.44 -3.71
C THR A 127 -18.07 -29.01 -2.66
N GLU A 128 -17.32 -27.94 -2.92
CA GLU A 128 -16.21 -27.54 -2.06
C GLU A 128 -16.37 -26.07 -1.70
N LEU A 129 -16.37 -25.78 -0.40
CA LEU A 129 -16.40 -24.41 0.10
C LEU A 129 -14.99 -23.85 0.20
N LYS A 130 -14.84 -22.58 -0.15
CA LYS A 130 -13.55 -21.94 -0.17
C LYS A 130 -13.73 -20.44 0.03
N VAL A 131 -12.83 -19.84 0.80
CA VAL A 131 -12.90 -18.41 1.03
C VAL A 131 -12.58 -17.67 -0.27
N ILE A 132 -13.08 -16.44 -0.36
CA ILE A 132 -12.72 -15.53 -1.45
C ILE A 132 -11.66 -14.59 -0.91
N ASP A 133 -10.53 -14.52 -1.61
CA ASP A 133 -9.32 -13.95 -1.02
C ASP A 133 -9.41 -12.45 -0.78
N THR A 134 -10.29 -11.76 -1.49
CA THR A 134 -10.46 -10.31 -1.30
C THR A 134 -11.20 -9.96 -0.02
N ASN A 135 -11.62 -10.94 0.76
CA ASN A 135 -12.36 -10.71 2.00
C ASN A 135 -11.45 -10.99 3.19
N CYS A 136 -10.15 -10.81 2.98
CA CYS A 136 -9.13 -11.03 3.98
C CYS A 136 -8.18 -9.84 4.00
N ILE A 137 -7.37 -9.76 5.05
CA ILE A 137 -6.22 -8.88 5.10
C ILE A 137 -4.99 -9.74 5.36
N ASN A 138 -3.82 -9.17 5.07
CA ASN A 138 -2.56 -9.81 5.38
C ASN A 138 -2.02 -9.19 6.66
N VAL A 139 -1.87 -10.00 7.69
CA VAL A 139 -1.45 -9.55 9.01
C VAL A 139 0.02 -9.87 9.23
N ILE A 140 0.78 -8.86 9.58
CA ILE A 140 2.20 -9.03 9.90
C ILE A 140 2.29 -9.41 11.36
N GLU A 141 3.06 -10.45 11.65
CA GLU A 141 3.16 -10.92 13.02
C GLU A 141 4.54 -10.63 13.57
N PRO A 142 4.67 -10.50 14.89
CA PRO A 142 6.03 -10.42 15.48
C PRO A 142 6.81 -11.68 15.18
N GLY A 143 8.04 -11.50 14.71
CA GLY A 143 8.88 -12.61 14.28
C GLY A 143 9.03 -12.72 12.78
N GLY A 144 8.38 -11.85 12.00
CA GLY A 144 8.52 -11.86 10.56
C GLY A 144 7.59 -12.80 9.83
N SER A 145 6.78 -13.57 10.55
CA SER A 145 5.79 -14.43 9.91
C SER A 145 4.55 -13.62 9.50
N TYR A 146 3.82 -14.16 8.53
CA TYR A 146 2.61 -13.52 8.03
C TYR A 146 1.45 -14.51 8.08
N ARG A 147 0.23 -13.98 8.11
CA ARG A 147 -0.95 -14.81 7.92
C ARG A 147 -2.01 -14.01 7.18
N SER A 148 -2.92 -14.75 6.54
CA SER A 148 -4.12 -14.17 5.96
C SER A 148 -5.24 -14.31 6.98
N GLU A 149 -6.05 -13.25 7.13
CA GLU A 149 -7.11 -13.27 8.13
C GLU A 149 -8.39 -12.69 7.57
N GLU A 150 -9.50 -13.39 7.77
CA GLU A 150 -10.80 -12.91 7.34
C GLU A 150 -11.29 -11.78 8.23
N LEU A 151 -12.07 -10.87 7.64
CA LEU A 151 -12.70 -9.81 8.40
C LEU A 151 -13.90 -9.30 7.63
N ASN A 152 -14.79 -8.61 8.34
CA ASN A 152 -16.01 -8.08 7.75
C ASN A 152 -15.95 -6.59 7.46
N LEU A 153 -15.25 -5.81 8.28
CA LEU A 153 -15.39 -4.36 8.21
C LEU A 153 -14.09 -3.69 8.62
N VAL A 154 -13.69 -2.67 7.85
CA VAL A 154 -12.54 -1.84 8.14
C VAL A 154 -12.97 -0.39 8.11
N ILE A 155 -12.59 0.36 9.14
CA ILE A 155 -12.77 1.81 9.17
C ILE A 155 -11.41 2.44 8.92
N THR A 156 -11.33 3.32 7.92
CA THR A 156 -10.13 4.10 7.66
C THR A 156 -10.47 5.58 7.72
N GLY A 157 -9.42 6.39 7.83
CA GLY A 157 -9.55 7.82 7.69
C GLY A 157 -9.90 8.18 6.26
N PRO A 158 -10.31 9.43 6.04
CA PRO A 158 -10.72 9.85 4.70
C PRO A 158 -9.54 9.91 3.76
N SER A 159 -9.84 9.97 2.46
CA SER A 159 -8.82 10.23 1.45
C SER A 159 -8.63 11.74 1.34
N ALA A 160 -8.37 12.23 0.11
CA ALA A 160 -8.10 13.65 -0.08
C ALA A 160 -9.23 14.52 0.46
N ASP A 161 -10.46 14.22 0.05
CA ASP A 161 -11.63 14.96 0.52
C ASP A 161 -12.01 14.44 1.91
N ILE A 162 -11.82 15.28 2.94
CA ILE A 162 -11.92 14.82 4.31
C ILE A 162 -13.34 14.41 4.67
N ILE A 163 -14.36 15.00 4.04
CA ILE A 163 -15.74 14.73 4.40
C ILE A 163 -16.45 13.83 3.39
N GLN A 164 -15.71 13.22 2.47
CA GLN A 164 -16.29 12.25 1.54
C GLN A 164 -16.31 10.88 2.24
N PHE A 165 -17.34 10.66 3.04
CA PHE A 165 -17.53 9.38 3.70
C PHE A 165 -18.24 8.42 2.76
N GLU A 166 -17.73 7.19 2.68
CA GLU A 166 -18.29 6.23 1.73
C GLU A 166 -17.90 4.83 2.16
N CYS A 167 -18.67 3.86 1.68
CA CYS A 167 -18.49 2.44 1.97
C CYS A 167 -18.20 1.72 0.66
N LYS A 168 -17.00 1.16 0.55
CA LYS A 168 -16.51 0.55 -0.69
C LYS A 168 -16.02 -0.86 -0.39
N SER A 169 -15.88 -1.66 -1.45
CA SER A 169 -15.36 -3.02 -1.30
C SER A 169 -14.73 -3.47 -2.61
N PHE A 170 -13.90 -4.50 -2.51
CA PHE A 170 -13.20 -4.97 -3.69
C PHE A 170 -14.08 -5.93 -4.47
N GLY A 171 -13.93 -5.90 -5.79
CA GLY A 171 -14.80 -6.65 -6.65
C GLY A 171 -14.31 -8.04 -6.96
N HIS A 172 -15.16 -8.79 -7.66
CA HIS A 172 -14.89 -10.15 -8.08
C HIS A 172 -14.97 -10.21 -9.59
N ASP A 173 -14.22 -11.14 -10.18
CA ASP A 173 -14.22 -11.25 -11.63
C ASP A 173 -15.57 -11.73 -12.15
N VAL A 174 -16.22 -12.63 -11.41
CA VAL A 174 -17.45 -13.26 -11.88
C VAL A 174 -18.68 -12.84 -11.07
N PHE A 175 -18.54 -12.48 -9.80
CA PHE A 175 -19.69 -12.18 -8.97
C PHE A 175 -19.81 -10.68 -8.70
N ASN A 176 -21.06 -10.27 -8.44
CA ASN A 176 -21.37 -8.95 -7.89
C ASN A 176 -21.69 -9.21 -6.42
N LEU A 177 -20.63 -9.32 -5.62
CA LEU A 177 -20.75 -9.81 -4.26
C LEU A 177 -21.69 -8.98 -3.40
N THR A 178 -21.84 -7.69 -3.69
CA THR A 178 -22.72 -6.88 -2.86
C THR A 178 -24.18 -7.03 -3.26
N ARG A 179 -24.47 -7.75 -4.36
CA ARG A 179 -25.83 -7.85 -4.86
C ARG A 179 -26.30 -9.28 -5.13
N ASN A 180 -25.44 -10.29 -4.99
CA ASN A 180 -25.82 -11.66 -5.24
C ASN A 180 -26.04 -12.44 -3.95
N GLY A 181 -26.14 -11.74 -2.81
CA GLY A 181 -26.35 -12.36 -1.53
C GLY A 181 -25.09 -12.79 -0.80
N TYR A 182 -23.93 -12.80 -1.47
CA TYR A 182 -22.72 -13.31 -0.85
C TYR A 182 -22.16 -12.35 0.18
N GLY A 183 -22.05 -11.07 -0.18
CA GLY A 183 -21.37 -10.11 0.63
C GLY A 183 -19.86 -10.10 0.41
N SER A 184 -19.24 -9.02 0.88
CA SER A 184 -17.79 -8.85 0.78
C SER A 184 -17.33 -7.92 1.88
N THR A 185 -16.04 -8.00 2.20
CA THR A 185 -15.46 -7.14 3.23
C THR A 185 -15.62 -5.67 2.84
N GLN A 186 -16.09 -4.86 3.78
CA GLN A 186 -16.43 -3.47 3.51
C GLN A 186 -15.41 -2.54 4.15
N TYR A 187 -15.09 -1.48 3.41
CA TYR A 187 -14.12 -0.45 3.82
C TYR A 187 -14.84 0.89 3.85
N ILE A 188 -14.88 1.50 5.03
CA ILE A 188 -15.56 2.77 5.23
C ILE A 188 -14.52 3.86 5.45
N ARG A 189 -14.56 4.90 4.63
CA ARG A 189 -13.83 6.13 4.89
C ARG A 189 -14.66 7.02 5.81
N PHE A 190 -14.07 7.46 6.91
CA PHE A 190 -14.86 8.17 7.91
C PHE A 190 -13.94 8.95 8.86
N SER A 191 -14.44 10.06 9.38
CA SER A 191 -13.74 10.84 10.39
C SER A 191 -14.69 11.19 11.53
N PRO A 192 -14.32 10.95 12.78
CA PRO A 192 -15.11 11.43 13.92
C PRO A 192 -14.79 12.85 14.35
N ASP A 193 -13.89 13.53 13.63
CA ASP A 193 -13.36 14.82 14.02
C ASP A 193 -14.05 15.98 13.33
N PHE A 194 -14.97 15.68 12.41
CA PHE A 194 -15.72 16.70 11.69
C PHE A 194 -17.17 16.24 11.61
N THR A 195 -18.09 17.21 11.55
CA THR A 195 -19.48 16.91 11.24
C THR A 195 -20.07 18.08 10.46
N PHE A 196 -21.30 17.90 9.99
CA PHE A 196 -21.97 18.84 9.10
C PHE A 196 -23.02 19.63 9.86
N GLY A 197 -23.28 20.85 9.39
CA GLY A 197 -24.35 21.66 9.90
C GLY A 197 -25.55 21.71 8.95
N PHE A 198 -26.74 21.82 9.53
CA PHE A 198 -27.98 21.95 8.76
C PHE A 198 -28.94 22.85 9.51
N GLU A 199 -29.91 23.37 8.78
CA GLU A 199 -30.94 24.26 9.31
C GLU A 199 -32.30 23.57 9.33
N GLU A 200 -33.14 23.96 10.29
CA GLU A 200 -34.51 23.50 10.33
C GLU A 200 -35.31 24.11 9.18
N GLY A 213 -26.46 26.99 9.16
CA GLY A 213 -26.11 25.76 9.83
C GLY A 213 -26.27 25.84 11.33
N THR A 214 -27.52 26.00 11.79
CA THR A 214 -27.77 26.19 13.22
C THR A 214 -27.51 24.92 14.02
N PHE A 215 -27.72 23.74 13.44
CA PHE A 215 -27.59 22.47 14.16
C PHE A 215 -26.54 21.59 13.52
N ALA A 216 -25.81 20.86 14.35
CA ALA A 216 -24.75 19.96 13.91
C ALA A 216 -25.23 18.51 13.96
N THR A 217 -24.92 17.76 12.91
CA THR A 217 -25.28 16.36 12.86
C THR A 217 -24.47 15.57 13.88
N ASP A 218 -25.14 14.69 14.62
CA ASP A 218 -24.42 13.80 15.52
C ASP A 218 -23.59 12.86 14.67
N PRO A 219 -22.26 12.81 14.83
CA PRO A 219 -21.46 11.90 14.00
C PRO A 219 -21.82 10.44 14.16
N ALA A 220 -22.51 10.06 15.25
CA ALA A 220 -22.96 8.68 15.37
C ALA A 220 -24.00 8.34 14.31
N VAL A 221 -24.85 9.31 13.95
CA VAL A 221 -25.80 9.08 12.87
C VAL A 221 -25.06 8.91 11.55
N THR A 222 -24.03 9.72 11.32
CA THR A 222 -23.25 9.61 10.09
C THR A 222 -22.58 8.26 9.97
N LEU A 223 -21.97 7.77 11.07
CA LEU A 223 -21.36 6.44 11.03
C LEU A 223 -22.41 5.36 10.87
N ALA A 224 -23.54 5.47 11.57
CA ALA A 224 -24.59 4.47 11.44
C ALA A 224 -25.07 4.37 10.00
N HIS A 225 -25.23 5.52 9.34
CA HIS A 225 -25.59 5.54 7.92
C HIS A 225 -24.65 4.68 7.10
N GLN A 226 -23.34 4.91 7.22
CA GLN A 226 -22.38 4.11 6.46
C GLN A 226 -22.41 2.64 6.88
N LEU A 227 -22.65 2.38 8.17
CA LEU A 227 -22.75 0.99 8.61
C LEU A 227 -23.97 0.29 8.00
N ILE A 228 -25.03 1.05 7.72
CA ILE A 228 -26.18 0.44 7.05
C ILE A 228 -25.83 0.05 5.62
N HIS A 229 -25.14 0.93 4.89
CA HIS A 229 -24.63 0.53 3.58
C HIS A 229 -23.79 -0.74 3.71
N ALA A 230 -22.89 -0.76 4.70
CA ALA A 230 -22.01 -1.91 4.89
C ALA A 230 -22.82 -3.17 5.16
N ALA A 231 -23.86 -3.08 5.99
CA ALA A 231 -24.68 -4.26 6.26
C ALA A 231 -25.36 -4.74 4.99
N HIS A 232 -25.98 -3.82 4.23
CA HIS A 232 -26.55 -4.20 2.95
C HIS A 232 -25.53 -4.91 2.07
N ARG A 233 -24.29 -4.38 2.04
CA ARG A 233 -23.28 -4.93 1.14
C ARG A 233 -22.66 -6.21 1.72
N LEU A 234 -22.61 -6.35 3.04
CA LEU A 234 -22.12 -7.58 3.64
C LEU A 234 -23.10 -8.72 3.46
N TYR A 235 -24.39 -8.40 3.33
CA TYR A 235 -25.42 -9.39 3.09
C TYR A 235 -25.78 -9.49 1.62
N GLY A 236 -25.08 -8.76 0.76
CA GLY A 236 -25.24 -8.91 -0.67
C GLY A 236 -26.61 -8.51 -1.20
N ILE A 237 -27.25 -7.52 -0.59
CA ILE A 237 -28.57 -7.08 -1.02
C ILE A 237 -28.58 -5.61 -1.40
N ALA A 238 -27.41 -5.02 -1.64
CA ALA A 238 -27.34 -3.63 -2.08
C ALA A 238 -28.04 -3.47 -3.43
N ILE A 239 -28.73 -2.35 -3.61
CA ILE A 239 -29.43 -2.09 -4.85
C ILE A 239 -28.43 -1.64 -5.92
N ASN A 240 -28.60 -2.18 -7.12
CA ASN A 240 -27.74 -1.83 -8.24
C ASN A 240 -27.58 -0.30 -8.32
N PRO A 241 -26.35 0.21 -8.38
CA PRO A 241 -26.19 1.67 -8.48
C PRO A 241 -26.75 2.27 -9.77
N ASN A 242 -27.18 1.46 -10.73
CA ASN A 242 -27.82 2.02 -11.92
C ASN A 242 -29.29 2.34 -11.71
N ARG A 243 -29.86 2.01 -10.55
CA ARG A 243 -31.21 2.42 -10.21
C ARG A 243 -31.13 3.78 -9.52
N VAL A 244 -31.51 4.85 -10.22
CA VAL A 244 -31.28 6.20 -9.74
C VAL A 244 -32.53 7.04 -9.93
N LEU A 245 -32.69 8.00 -9.02
CA LEU A 245 -33.74 9.01 -9.06
C LEU A 245 -33.10 10.35 -9.43
N LYS A 246 -33.67 11.03 -10.43
CA LYS A 246 -33.16 12.32 -10.89
C LYS A 246 -34.12 13.39 -10.41
N VAL A 247 -33.60 14.38 -9.69
CA VAL A 247 -34.42 15.37 -9.03
C VAL A 247 -34.09 16.77 -9.52
N LYS A 248 -35.14 17.57 -9.70
CA LYS A 248 -35.00 18.99 -10.00
C LYS A 248 -35.99 19.75 -9.14
N THR A 249 -35.55 20.90 -8.66
CA THR A 249 -36.40 21.89 -8.02
C THR A 249 -36.33 23.21 -8.77
N ASN A 250 -35.64 23.23 -9.91
CA ASN A 250 -35.50 24.41 -10.74
C ASN A 250 -36.32 24.23 -12.01
N ALA A 251 -37.16 25.22 -12.30
CA ALA A 251 -37.97 25.18 -13.51
C ALA A 251 -37.17 25.49 -14.77
N TYR A 252 -35.99 26.08 -14.61
CA TYR A 252 -35.22 26.62 -15.72
C TYR A 252 -34.11 25.72 -16.23
N TYR A 253 -33.33 25.08 -15.36
CA TYR A 253 -32.26 24.23 -15.83
C TYR A 253 -32.83 22.98 -16.47
N GLU A 254 -32.49 22.76 -17.73
CA GLU A 254 -33.00 21.60 -18.45
C GLU A 254 -32.33 20.33 -17.95
N MET A 255 -31.00 20.25 -18.11
CA MET A 255 -30.23 19.08 -17.73
C MET A 255 -29.84 19.08 -16.26
N SER A 256 -29.42 20.22 -15.73
CA SER A 256 -28.84 20.23 -14.39
C SER A 256 -29.88 19.80 -13.36
N GLY A 257 -29.43 19.03 -12.40
CA GLY A 257 -30.29 18.55 -11.34
C GLY A 257 -29.48 17.70 -10.40
N LEU A 258 -30.17 16.87 -9.64
CA LEU A 258 -29.53 16.02 -8.66
C LEU A 258 -29.87 14.57 -8.94
N GLU A 259 -28.96 13.69 -8.55
CA GLU A 259 -29.09 12.25 -8.75
C GLU A 259 -28.89 11.57 -7.40
N VAL A 260 -29.82 10.69 -7.05
CA VAL A 260 -29.74 9.93 -5.81
C VAL A 260 -30.15 8.50 -6.10
N SER A 261 -29.30 7.56 -5.71
CA SER A 261 -29.55 6.15 -5.99
C SER A 261 -30.69 5.63 -5.13
N PHE A 262 -31.35 4.58 -5.64
CA PHE A 262 -32.36 3.88 -4.84
C PHE A 262 -31.74 3.38 -3.53
N GLU A 263 -30.50 2.89 -3.58
CA GLU A 263 -29.83 2.42 -2.38
C GLU A 263 -29.75 3.51 -1.32
N GLU A 264 -29.52 4.76 -1.74
CA GLU A 264 -29.45 5.85 -0.78
C GLU A 264 -30.82 6.21 -0.25
N LEU A 265 -31.85 6.21 -1.11
CA LEU A 265 -33.21 6.46 -0.65
C LEU A 265 -33.63 5.42 0.38
N ARG A 266 -33.30 4.15 0.13
CA ARG A 266 -33.64 3.10 1.09
C ARG A 266 -32.88 3.30 2.39
N THR A 267 -31.58 3.56 2.30
CA THR A 267 -30.75 3.65 3.49
C THR A 267 -31.16 4.83 4.36
N PHE A 268 -31.48 5.97 3.76
CA PHE A 268 -31.92 7.11 4.55
C PHE A 268 -33.26 6.82 5.24
N GLY A 269 -34.22 6.30 4.49
CA GLY A 269 -35.49 5.87 5.06
C GLY A 269 -36.57 6.93 5.01
N GLY A 270 -37.62 6.67 5.78
CA GLY A 270 -38.72 7.62 5.87
C GLY A 270 -39.36 7.90 4.53
N ASN A 271 -39.69 9.18 4.31
CA ASN A 271 -40.43 9.60 3.12
C ASN A 271 -39.58 9.52 1.87
N ASP A 272 -38.25 9.56 1.99
CA ASP A 272 -37.39 9.43 0.82
C ASP A 272 -37.57 8.06 0.18
N THR A 273 -37.71 7.02 1.01
CA THR A 273 -37.86 5.67 0.46
C THR A 273 -39.14 5.55 -0.36
N ASN A 274 -40.16 6.37 -0.05
CA ASN A 274 -41.42 6.30 -0.77
C ASN A 274 -41.29 6.69 -2.24
N PHE A 275 -40.19 7.33 -2.63
CA PHE A 275 -39.94 7.56 -4.04
C PHE A 275 -39.69 6.26 -4.80
N ILE A 276 -39.35 5.18 -4.10
CA ILE A 276 -39.19 3.88 -4.74
C ILE A 276 -40.55 3.21 -4.87
N ASP A 277 -40.94 2.92 -6.11
CA ASP A 277 -42.23 2.30 -6.37
C ASP A 277 -42.36 0.94 -5.70
N SER A 278 -43.60 0.60 -5.34
CA SER A 278 -43.88 -0.70 -4.74
C SER A 278 -43.44 -1.85 -5.63
N LEU A 279 -43.47 -1.67 -6.96
CA LEU A 279 -43.06 -2.74 -7.86
C LEU A 279 -41.56 -3.00 -7.78
N TRP A 280 -40.76 -1.94 -7.62
CA TRP A 280 -39.33 -2.12 -7.40
C TRP A 280 -39.06 -2.86 -6.09
N GLN A 281 -39.78 -2.49 -5.02
CA GLN A 281 -39.58 -3.18 -3.73
C GLN A 281 -39.87 -4.68 -3.85
N LYS A 282 -40.97 -5.04 -4.53
CA LYS A 282 -41.27 -6.46 -4.72
C LYS A 282 -40.13 -7.15 -5.46
N LYS A 283 -39.58 -6.49 -6.48
CA LYS A 283 -38.50 -7.07 -7.26
C LYS A 283 -37.26 -7.30 -6.42
N PHE A 284 -36.85 -6.28 -5.66
CA PHE A 284 -35.66 -6.43 -4.81
C PHE A 284 -35.85 -7.54 -3.80
N SER A 285 -37.05 -7.64 -3.21
CA SER A 285 -37.31 -8.71 -2.25
C SER A 285 -37.21 -10.07 -2.92
N ARG A 286 -37.90 -10.24 -4.06
CA ARG A 286 -37.81 -11.48 -4.82
C ARG A 286 -36.37 -11.83 -5.16
N ASP A 287 -35.58 -10.84 -5.61
CA ASP A 287 -34.20 -11.11 -5.96
C ASP A 287 -33.39 -11.59 -4.77
N ALA A 288 -33.58 -10.95 -3.61
CA ALA A 288 -32.82 -11.35 -2.43
C ALA A 288 -33.25 -12.74 -1.95
N TYR A 289 -34.54 -13.03 -2.02
CA TYR A 289 -35.02 -14.37 -1.69
C TYR A 289 -34.40 -15.40 -2.62
N ASP A 290 -34.42 -15.11 -3.92
CA ASP A 290 -33.82 -16.03 -4.89
CA ASP A 290 -33.82 -16.02 -4.89
C ASP A 290 -32.36 -16.29 -4.57
N ASN A 291 -31.61 -15.26 -4.18
CA ASN A 291 -30.19 -15.44 -3.90
C ASN A 291 -29.95 -16.23 -2.61
N LEU A 292 -30.85 -16.14 -1.64
CA LEU A 292 -30.73 -17.01 -0.47
C LEU A 292 -30.98 -18.46 -0.83
N GLN A 293 -31.96 -18.72 -1.69
CA GLN A 293 -32.20 -20.08 -2.15
C GLN A 293 -30.95 -20.65 -2.80
N ASN A 294 -30.28 -19.85 -3.61
CA ASN A 294 -29.04 -20.28 -4.25
C ASN A 294 -27.97 -20.63 -3.22
N ILE A 295 -27.81 -19.78 -2.21
CA ILE A 295 -26.81 -20.05 -1.17
C ILE A 295 -27.14 -21.34 -0.43
N ALA A 296 -28.41 -21.57 -0.12
CA ALA A 296 -28.81 -22.82 0.53
C ALA A 296 -28.46 -24.02 -0.33
N ARG A 297 -28.71 -23.93 -1.64
CA ARG A 297 -28.36 -25.04 -2.53
C ARG A 297 -26.86 -25.29 -2.50
N ILE A 298 -26.06 -24.23 -2.43
CA ILE A 298 -24.61 -24.39 -2.41
C ILE A 298 -24.15 -25.01 -1.11
N LEU A 299 -24.77 -24.60 0.01
CA LEU A 299 -24.43 -25.22 1.29
C LEU A 299 -24.84 -26.68 1.32
N ASN A 300 -26.01 -27.01 0.77
CA ASN A 300 -26.45 -28.40 0.72
C ASN A 300 -25.54 -29.25 -0.15
N GLU A 301 -25.02 -28.69 -1.24
CA GLU A 301 -24.15 -29.47 -2.13
C GLU A 301 -22.71 -29.51 -1.66
N ALA A 302 -22.36 -28.72 -0.65
CA ALA A 302 -20.98 -28.72 -0.14
C ALA A 302 -20.70 -30.00 0.63
N LYS A 303 -19.61 -30.68 0.24
CA LYS A 303 -19.16 -31.88 0.94
C LYS A 303 -17.76 -31.75 1.52
N THR A 304 -16.93 -30.83 1.03
CA THR A 304 -15.59 -30.62 1.55
C THR A 304 -15.38 -29.13 1.77
N ILE A 305 -14.34 -28.81 2.53
CA ILE A 305 -13.94 -27.43 2.79
C ILE A 305 -12.42 -27.36 2.78
N VAL A 306 -11.89 -26.24 2.32
CA VAL A 306 -10.46 -26.09 2.13
C VAL A 306 -10.01 -24.75 2.69
N GLY A 307 -8.74 -24.70 3.11
CA GLY A 307 -8.15 -23.46 3.57
C GLY A 307 -8.44 -23.13 5.01
N THR A 308 -8.83 -24.10 5.83
CA THR A 308 -9.14 -23.85 7.22
C THR A 308 -9.25 -25.20 7.93
N THR A 309 -9.01 -25.17 9.23
CA THR A 309 -9.22 -26.34 10.09
C THR A 309 -10.62 -26.37 10.70
N THR A 310 -11.45 -25.37 10.43
CA THR A 310 -12.82 -25.38 10.92
C THR A 310 -13.60 -26.51 10.23
N PRO A 311 -14.28 -27.38 10.99
CA PRO A 311 -15.03 -28.46 10.35
C PRO A 311 -16.13 -27.92 9.44
N LEU A 312 -16.48 -28.71 8.43
CA LEU A 312 -17.47 -28.27 7.44
C LEU A 312 -18.77 -27.82 8.10
N GLN A 313 -19.27 -28.58 9.08
CA GLN A 313 -20.57 -28.25 9.64
C GLN A 313 -20.53 -26.93 10.40
N TYR A 314 -19.41 -26.66 11.08
CA TYR A 314 -19.27 -25.39 11.78
C TYR A 314 -19.26 -24.23 10.80
N MET A 315 -18.67 -24.43 9.62
CA MET A 315 -18.68 -23.38 8.61
C MET A 315 -20.09 -23.19 8.04
N LYS A 316 -20.80 -24.28 7.80
CA LYS A 316 -22.19 -24.17 7.37
C LYS A 316 -23.03 -23.40 8.40
N ASN A 317 -22.78 -23.66 9.69
CA ASN A 317 -23.55 -23.01 10.72
C ASN A 317 -23.35 -21.51 10.72
N ILE A 318 -22.16 -21.03 10.35
CA ILE A 318 -21.91 -19.60 10.27
C ILE A 318 -22.93 -18.94 9.34
N PHE A 319 -23.22 -19.60 8.22
CA PHE A 319 -24.13 -19.03 7.22
C PHE A 319 -25.59 -19.37 7.48
N ILE A 320 -25.85 -20.50 8.15
CA ILE A 320 -27.21 -20.75 8.63
C ILE A 320 -27.64 -19.61 9.56
N ARG A 321 -26.75 -19.21 10.47
CA ARG A 321 -27.03 -18.10 11.37
C ARG A 321 -27.05 -16.77 10.63
N LYS A 322 -26.08 -16.54 9.74
CA LYS A 322 -26.03 -15.27 9.02
C LYS A 322 -27.34 -14.98 8.31
N TYR A 323 -27.86 -15.96 7.58
CA TYR A 323 -29.02 -15.75 6.72
C TYR A 323 -30.32 -16.26 7.34
N PHE A 324 -30.31 -16.62 8.63
CA PHE A 324 -31.49 -17.09 9.33
C PHE A 324 -32.15 -18.26 8.59
N LEU A 325 -31.31 -19.20 8.16
CA LEU A 325 -31.78 -20.36 7.42
C LEU A 325 -32.33 -21.43 8.36
N SER A 326 -33.17 -22.30 7.80
CA SER A 326 -33.70 -23.46 8.50
C SER A 326 -32.88 -24.69 8.16
N GLU A 327 -32.77 -25.60 9.13
CA GLU A 327 -32.14 -26.90 8.94
C GLU A 327 -33.07 -27.96 9.51
N ASP A 328 -33.34 -29.02 8.74
CA ASP A 328 -34.19 -30.10 9.22
C ASP A 328 -33.34 -31.21 9.82
N ALA A 329 -34.00 -32.31 10.21
CA ALA A 329 -33.32 -33.38 10.92
C ALA A 329 -32.21 -34.00 10.09
N SER A 330 -32.37 -34.07 8.77
CA SER A 330 -31.37 -34.70 7.91
C SER A 330 -30.22 -33.77 7.54
N GLY A 331 -30.20 -32.55 8.05
CA GLY A 331 -29.15 -31.61 7.72
C GLY A 331 -29.41 -30.75 6.50
N LYS A 332 -30.60 -30.86 5.90
CA LYS A 332 -30.92 -30.09 4.70
C LYS A 332 -31.23 -28.64 5.08
N ILE A 333 -30.56 -27.72 4.42
CA ILE A 333 -30.72 -26.29 4.65
C ILE A 333 -31.75 -25.73 3.69
N SER A 334 -32.56 -24.79 4.15
CA SER A 334 -33.57 -24.18 3.29
C SER A 334 -33.92 -22.79 3.80
N VAL A 335 -34.67 -22.06 2.98
CA VAL A 335 -35.12 -20.71 3.30
C VAL A 335 -36.56 -20.80 3.77
N ASN A 336 -36.81 -20.32 4.99
CA ASN A 336 -38.17 -20.21 5.51
C ASN A 336 -38.74 -18.86 5.09
N LYS A 337 -39.92 -18.88 4.49
CA LYS A 337 -40.46 -17.65 3.92
C LYS A 337 -40.65 -16.58 4.98
N ALA A 338 -41.23 -16.96 6.14
CA ALA A 338 -41.45 -15.98 7.19
C ALA A 338 -40.13 -15.46 7.74
N ALA A 339 -39.14 -16.34 7.93
CA ALA A 339 -37.85 -15.90 8.43
C ALA A 339 -37.18 -14.94 7.45
N PHE A 340 -37.28 -15.22 6.15
CA PHE A 340 -36.70 -14.29 5.17
C PHE A 340 -37.41 -12.95 5.22
N LYS A 341 -38.74 -12.96 5.33
CA LYS A 341 -39.49 -11.71 5.37
C LYS A 341 -38.99 -10.80 6.50
N GLU A 342 -38.83 -11.36 7.69
CA GLU A 342 -38.34 -10.56 8.82
C GLU A 342 -36.88 -10.17 8.62
N PHE A 343 -36.05 -11.13 8.19
CA PHE A 343 -34.66 -10.85 7.87
C PHE A 343 -34.54 -9.65 6.91
N TYR A 344 -35.31 -9.69 5.82
CA TYR A 344 -35.22 -8.62 4.83
C TYR A 344 -35.79 -7.32 5.38
N ARG A 345 -36.89 -7.38 6.14
CA ARG A 345 -37.46 -6.17 6.72
C ARG A 345 -36.45 -5.48 7.62
N VAL A 346 -35.80 -6.23 8.51
CA VAL A 346 -34.83 -5.64 9.41
C VAL A 346 -33.74 -4.93 8.63
N LEU A 347 -33.18 -5.59 7.61
CA LEU A 347 -32.03 -5.05 6.91
C LEU A 347 -32.39 -3.80 6.09
N THR A 348 -33.58 -3.76 5.51
CA THR A 348 -33.94 -2.70 4.58
C THR A 348 -34.85 -1.63 5.19
N ARG A 349 -35.68 -1.99 6.16
CA ARG A 349 -36.61 -1.04 6.77
C ARG A 349 -36.32 -0.76 8.22
N GLY A 350 -35.82 -1.73 8.98
CA GLY A 350 -35.45 -1.46 10.36
C GLY A 350 -34.18 -0.62 10.46
N PHE A 351 -33.19 -0.92 9.62
CA PHE A 351 -31.93 -0.18 9.57
C PHE A 351 -32.05 0.95 8.55
N THR A 352 -32.47 2.12 9.02
CA THR A 352 -32.41 3.34 8.22
C THR A 352 -31.85 4.46 9.08
N GLU A 353 -31.35 5.50 8.42
CA GLU A 353 -30.84 6.66 9.15
C GLU A 353 -31.95 7.29 10.01
N LEU A 354 -33.16 7.44 9.45
CA LEU A 354 -34.21 8.10 10.22
C LEU A 354 -34.69 7.27 11.39
N GLU A 355 -34.55 5.94 11.30
CA GLU A 355 -34.92 5.10 12.44
C GLU A 355 -33.95 5.24 13.61
N PHE A 356 -32.76 5.78 13.38
CA PHE A 356 -31.81 6.02 14.46
C PHE A 356 -32.01 7.35 15.17
N VAL A 357 -32.84 8.24 14.61
CA VAL A 357 -32.91 9.60 15.12
C VAL A 357 -33.43 9.62 16.55
N ASN A 358 -34.53 8.90 16.82
CA ASN A 358 -35.11 8.95 18.16
C ASN A 358 -34.33 8.11 19.16
N PRO A 359 -33.81 6.93 18.77
CA PRO A 359 -32.94 6.21 19.71
C PRO A 359 -31.73 7.01 20.15
N PHE A 360 -31.17 7.83 19.27
CA PHE A 360 -30.06 8.71 19.62
C PHE A 360 -30.52 9.98 20.32
N LYS A 361 -31.81 10.29 20.31
CA LYS A 361 -32.34 11.49 20.94
C LYS A 361 -31.76 12.76 20.32
N VAL A 362 -31.69 12.77 18.99
CA VAL A 362 -31.05 13.88 18.29
C VAL A 362 -32.05 14.57 17.37
N ILE A 363 -31.70 15.77 16.99
CA ILE A 363 -32.26 16.44 15.83
C ILE A 363 -31.38 16.08 14.64
N ASN A 364 -31.98 15.98 13.46
CA ASN A 364 -31.31 15.42 12.30
C ASN A 364 -31.98 15.96 11.05
N ARG A 365 -31.24 15.94 9.94
N ARG A 365 -31.25 15.95 9.94
CA ARG A 365 -31.85 16.21 8.65
CA ARG A 365 -31.87 16.26 8.66
C ARG A 365 -33.09 15.33 8.49
C ARG A 365 -33.05 15.32 8.43
N LYS A 366 -34.05 15.82 7.71
CA LYS A 366 -35.28 15.08 7.45
C LYS A 366 -35.30 14.42 6.08
N THR A 367 -34.40 14.81 5.18
CA THR A 367 -34.42 14.33 3.80
C THR A 367 -33.10 14.66 3.14
N PHE A 368 -32.85 13.99 2.00
CA PHE A 368 -31.70 14.31 1.17
C PHE A 368 -31.80 15.68 0.52
N LEU A 369 -33.01 16.21 0.34
CA LEU A 369 -33.18 17.54 -0.23
C LEU A 369 -32.79 18.67 0.71
N ASN A 370 -32.43 18.38 1.96
CA ASN A 370 -31.92 19.38 2.87
C ASN A 370 -30.40 19.18 2.94
N PHE A 371 -29.67 19.98 2.18
CA PHE A 371 -28.23 19.79 2.05
C PHE A 371 -27.52 20.41 3.25
N ASP A 372 -26.42 19.78 3.62
CA ASP A 372 -25.57 20.33 4.68
C ASP A 372 -25.14 21.74 4.28
N LYS A 373 -25.08 22.65 5.27
CA LYS A 373 -24.72 24.03 5.00
C LYS A 373 -23.26 24.34 5.31
N ALA A 374 -22.61 23.58 6.18
CA ALA A 374 -21.26 23.88 6.59
C ALA A 374 -20.66 22.64 7.25
N VAL A 375 -19.33 22.66 7.39
CA VAL A 375 -18.60 21.62 8.11
C VAL A 375 -17.93 22.25 9.31
N PHE A 376 -17.98 21.54 10.44
CA PHE A 376 -17.41 22.00 11.70
C PHE A 376 -16.35 21.02 12.19
N ARG A 377 -15.34 21.56 12.87
CA ARG A 377 -14.45 20.73 13.67
C ARG A 377 -15.11 20.43 15.01
N ILE A 378 -14.98 19.19 15.46
CA ILE A 378 -15.51 18.75 16.74
C ILE A 378 -14.45 17.94 17.46
N ASN A 379 -14.70 17.67 18.74
CA ASN A 379 -13.85 16.78 19.54
C ASN A 379 -14.76 16.06 20.52
N ILE A 380 -15.10 14.80 20.20
CA ILE A 380 -16.07 14.05 20.99
C ILE A 380 -15.42 13.20 22.07
N VAL A 381 -14.10 13.07 22.07
CA VAL A 381 -13.45 12.15 23.01
C VAL A 381 -13.66 12.58 24.45
N PRO A 382 -13.52 13.86 24.82
CA PRO A 382 -13.76 14.26 26.21
C PRO A 382 -15.24 14.11 26.55
N ASP A 383 -15.52 13.49 27.70
CA ASP A 383 -16.90 13.23 28.08
C ASP A 383 -17.68 14.50 28.36
N GLU A 384 -17.01 15.60 28.72
CA GLU A 384 -17.74 16.85 28.93
C GLU A 384 -18.29 17.41 27.61
N ASN A 385 -17.81 16.92 26.46
CA ASN A 385 -18.29 17.34 25.16
C ASN A 385 -19.32 16.40 24.55
N TYR A 386 -19.19 15.10 24.79
CA TYR A 386 -19.96 14.12 24.04
C TYR A 386 -19.93 12.81 24.82
N THR A 387 -21.10 12.25 25.11
CA THR A 387 -21.19 11.00 25.86
C THR A 387 -21.75 9.88 25.00
N ILE A 388 -21.48 8.65 25.44
CA ILE A 388 -22.00 7.48 24.76
C ILE A 388 -23.52 7.50 24.73
N ASN A 389 -24.15 7.88 25.84
CA ASN A 389 -25.60 7.75 25.98
C ASN A 389 -26.37 8.96 25.48
N GLU A 390 -25.75 10.14 25.41
CA GLU A 390 -26.45 11.35 25.00
C GLU A 390 -25.79 12.07 23.83
N GLY A 391 -24.63 11.64 23.37
CA GLY A 391 -23.93 12.40 22.34
C GLY A 391 -23.67 13.82 22.83
N PHE A 392 -23.97 14.79 21.99
CA PHE A 392 -23.76 16.19 22.34
C PHE A 392 -24.76 16.70 23.36
N ASN A 393 -25.90 16.04 23.51
CA ASN A 393 -26.99 16.59 24.32
C ASN A 393 -26.88 16.12 25.77
N LEU A 394 -25.76 16.50 26.39
CA LEU A 394 -25.47 16.06 27.76
C LEU A 394 -26.35 16.74 28.80
N GLU A 395 -26.70 18.01 28.58
CA GLU A 395 -27.36 18.79 29.63
C GLU A 395 -28.75 18.26 29.94
N GLY A 396 -29.51 17.87 28.92
CA GLY A 396 -30.87 17.42 29.16
C GLY A 396 -31.47 16.82 27.91
N ALA A 397 -32.75 16.46 28.05
CA ALA A 397 -33.52 15.83 26.96
C ALA A 397 -33.96 16.89 25.97
N ASN A 398 -32.99 17.39 25.21
CA ASN A 398 -33.23 18.37 24.17
C ASN A 398 -32.11 18.26 23.13
N SER A 399 -32.10 19.16 22.16
CA SER A 399 -31.07 19.22 21.14
C SER A 399 -30.24 20.49 21.26
N ASN A 400 -30.19 21.11 22.45
CA ASN A 400 -29.36 22.30 22.63
C ASN A 400 -27.89 21.98 22.46
N GLY A 401 -27.48 20.75 22.79
CA GLY A 401 -26.10 20.36 22.59
C GLY A 401 -25.69 20.37 21.13
N GLN A 402 -26.64 20.20 20.22
CA GLN A 402 -26.36 20.23 18.79
C GLN A 402 -26.51 21.62 18.20
N ASN A 403 -26.98 22.59 18.97
CA ASN A 403 -27.12 23.95 18.48
C ASN A 403 -25.74 24.59 18.38
N THR A 404 -25.30 24.89 17.15
CA THR A 404 -23.94 25.37 16.95
C THR A 404 -23.75 26.80 17.45
N GLU A 405 -24.83 27.51 17.77
CA GLU A 405 -24.74 28.83 18.39
C GLU A 405 -24.67 28.71 19.91
N ILE A 406 -25.60 27.97 20.51
CA ILE A 406 -25.61 27.80 21.96
C ILE A 406 -24.34 27.10 22.42
N ASN A 407 -24.09 25.91 21.87
CA ASN A 407 -22.92 25.10 22.22
C ASN A 407 -21.75 25.38 21.28
N SER A 408 -21.48 26.66 21.04
CA SER A 408 -20.53 27.05 20.00
C SER A 408 -19.12 26.55 20.28
N ARG A 409 -18.75 26.35 21.55
CA ARG A 409 -17.37 25.94 21.82
C ARG A 409 -17.08 24.54 21.31
N ASN A 410 -18.10 23.74 21.00
CA ASN A 410 -17.90 22.38 20.53
C ASN A 410 -17.95 22.27 19.01
N PHE A 411 -18.21 23.36 18.29
CA PHE A 411 -18.32 23.32 16.84
C PHE A 411 -17.59 24.53 16.27
N THR A 412 -16.42 24.28 15.70
CA THR A 412 -15.63 25.33 15.03
C THR A 412 -15.89 25.26 13.54
N ARG A 413 -16.47 26.34 13.00
CA ARG A 413 -16.86 26.39 11.59
C ARG A 413 -15.62 26.49 10.72
N LEU A 414 -15.46 25.57 9.78
CA LEU A 414 -14.30 25.56 8.89
C LEU A 414 -14.63 26.05 7.48
N LYS A 415 -15.80 25.71 6.97
CA LYS A 415 -16.15 26.06 5.60
C LYS A 415 -17.66 26.02 5.44
N ASN A 416 -18.21 27.03 4.78
CA ASN A 416 -19.61 27.04 4.37
C ASN A 416 -19.72 26.55 2.93
N PHE A 417 -20.79 25.80 2.66
CA PHE A 417 -21.09 25.30 1.34
C PHE A 417 -22.03 26.21 0.57
N THR A 418 -22.61 27.20 1.24
CA THR A 418 -23.59 28.09 0.65
C THR A 418 -22.99 28.88 -0.51
N SER B 2 2.61 12.84 -4.49
CA SER B 2 3.36 13.60 -3.50
C SER B 2 3.57 12.79 -2.23
N MET B 3 2.86 11.68 -2.10
CA MET B 3 3.10 10.77 -0.97
C MET B 3 4.55 10.29 -0.99
N PRO B 4 5.24 10.31 0.14
CA PRO B 4 6.65 9.89 0.16
C PRO B 4 6.81 8.37 0.22
N PHE B 5 7.99 7.92 -0.19
CA PHE B 5 8.35 6.52 -0.02
C PHE B 5 8.62 6.20 1.44
N VAL B 6 9.20 7.14 2.17
CA VAL B 6 9.58 6.96 3.57
C VAL B 6 8.60 7.74 4.43
N ASN B 7 7.79 7.02 5.21
CA ASN B 7 6.63 7.61 5.87
C ASN B 7 6.94 8.19 7.24
N LYS B 8 8.21 8.21 7.66
CA LYS B 8 8.58 8.86 8.90
C LYS B 8 9.96 9.48 8.73
N GLN B 9 10.27 10.40 9.64
CA GLN B 9 11.58 11.05 9.66
C GLN B 9 12.58 10.19 10.42
N PHE B 10 13.79 10.11 9.88
CA PHE B 10 14.90 9.41 10.52
C PHE B 10 16.06 10.37 10.73
N ASN B 11 16.65 10.31 11.92
CA ASN B 11 17.91 10.98 12.20
C ASN B 11 18.93 9.93 12.62
N TYR B 12 20.17 10.11 12.15
CA TYR B 12 21.20 9.10 12.41
C TYR B 12 21.34 8.81 13.90
N ARG B 13 21.23 9.84 14.73
CA ARG B 13 21.41 9.67 16.17
C ARG B 13 20.16 9.17 16.89
N ASP B 14 19.08 8.90 16.17
CA ASP B 14 17.90 8.32 16.80
C ASP B 14 18.29 7.01 17.49
N PRO B 15 17.76 6.74 18.68
CA PRO B 15 18.13 5.51 19.38
C PRO B 15 17.61 4.28 18.67
N VAL B 16 18.42 3.21 18.67
CA VAL B 16 17.98 1.96 18.09
C VAL B 16 16.69 1.52 18.76
N ASN B 17 15.87 0.77 18.02
CA ASN B 17 14.63 0.25 18.57
C ASN B 17 14.38 -1.21 18.20
N GLY B 18 15.27 -1.86 17.46
CA GLY B 18 15.13 -3.25 17.11
C GLY B 18 14.13 -3.54 16.01
N VAL B 19 13.42 -2.54 15.50
CA VAL B 19 12.40 -2.71 14.47
C VAL B 19 12.84 -2.07 13.16
N ASP B 20 12.99 -0.74 13.14
CA ASP B 20 13.46 -0.04 11.96
C ASP B 20 14.71 0.78 12.20
N ILE B 21 15.26 0.78 13.41
CA ILE B 21 16.59 1.33 13.69
C ILE B 21 17.31 0.31 14.57
N ALA B 22 18.35 -0.33 14.03
CA ALA B 22 19.02 -1.41 14.75
C ALA B 22 20.44 -1.58 14.23
N TYR B 23 21.27 -2.18 15.06
CA TYR B 23 22.58 -2.68 14.63
C TYR B 23 22.41 -4.03 13.96
N ILE B 24 23.08 -4.22 12.83
CA ILE B 24 22.89 -5.42 12.02
C ILE B 24 24.24 -5.97 11.57
N LYS B 25 24.22 -7.26 11.22
CA LYS B 25 25.35 -7.96 10.64
C LYS B 25 24.87 -8.71 9.41
N ILE B 26 25.71 -8.78 8.39
CA ILE B 26 25.40 -9.53 7.17
C ILE B 26 26.01 -10.92 7.30
N PRO B 27 25.21 -11.99 7.31
CA PRO B 27 25.78 -13.32 7.59
C PRO B 27 26.85 -13.74 6.59
N ASN B 28 26.69 -13.41 5.31
CA ASN B 28 27.66 -13.81 4.30
C ASN B 28 28.93 -12.98 4.33
N ALA B 29 28.97 -11.90 5.10
CA ALA B 29 30.19 -11.15 5.36
C ALA B 29 30.76 -11.65 6.69
N GLY B 30 31.86 -12.39 6.62
CA GLY B 30 32.25 -13.20 7.78
C GLY B 30 32.76 -12.40 8.96
N GLN B 31 33.64 -11.42 8.72
CA GLN B 31 34.34 -10.76 9.83
C GLN B 31 33.83 -9.37 10.15
N MET B 32 32.59 -9.05 9.79
CA MET B 32 32.12 -7.69 10.00
C MET B 32 31.60 -7.54 11.42
N GLN B 33 31.80 -6.36 11.98
CA GLN B 33 31.14 -5.96 13.21
C GLN B 33 29.82 -5.27 12.91
N PRO B 34 28.90 -5.24 13.87
CA PRO B 34 27.58 -4.65 13.61
C PRO B 34 27.67 -3.18 13.24
N VAL B 35 26.75 -2.76 12.36
CA VAL B 35 26.65 -1.39 11.88
C VAL B 35 25.21 -0.92 12.07
N LYS B 36 25.06 0.37 12.36
CA LYS B 36 23.72 0.95 12.55
C LYS B 36 23.03 1.10 11.20
N ALA B 37 21.79 0.61 11.12
CA ALA B 37 21.06 0.58 9.87
C ALA B 37 19.63 1.05 10.10
N PHE B 38 19.01 1.52 9.01
CA PHE B 38 17.69 2.13 9.07
C PHE B 38 16.78 1.49 8.04
N LYS B 39 15.65 0.95 8.49
CA LYS B 39 14.66 0.33 7.62
C LYS B 39 13.71 1.44 7.19
N ILE B 40 13.99 2.03 6.03
CA ILE B 40 13.20 3.18 5.59
C ILE B 40 11.90 2.77 4.93
N HIS B 41 11.73 1.49 4.62
CA HIS B 41 10.54 0.96 3.97
C HIS B 41 10.60 -0.55 4.09
N GLU B 42 9.42 -1.18 4.00
CA GLU B 42 9.35 -2.63 3.98
C GLU B 42 10.37 -3.20 3.00
N GLY B 43 11.31 -4.00 3.53
CA GLY B 43 12.29 -4.68 2.71
C GLY B 43 13.50 -3.86 2.30
N VAL B 44 13.63 -2.62 2.74
CA VAL B 44 14.67 -1.71 2.26
C VAL B 44 15.39 -1.09 3.45
N TRP B 45 16.70 -1.30 3.53
CA TRP B 45 17.54 -0.76 4.59
C TRP B 45 18.60 0.16 4.02
N VAL B 46 18.99 1.17 4.82
CA VAL B 46 20.07 2.08 4.49
C VAL B 46 21.12 2.01 5.59
N ILE B 47 22.37 1.79 5.20
CA ILE B 47 23.50 1.80 6.13
C ILE B 47 24.32 3.04 5.79
N PRO B 48 24.14 4.16 6.50
CA PRO B 48 24.80 5.41 6.10
C PRO B 48 26.26 5.49 6.55
N GLU B 49 27.07 4.52 6.13
CA GLU B 49 28.51 4.59 6.37
C GLU B 49 29.23 3.98 5.18
N ARG B 50 30.53 4.23 5.13
CA ARG B 50 31.38 3.66 4.08
C ARG B 50 31.38 2.14 4.17
N ASP B 51 31.31 1.49 3.01
CA ASP B 51 31.22 0.04 2.96
C ASP B 51 32.61 -0.56 3.10
N THR B 52 32.98 -0.85 4.35
CA THR B 52 34.18 -1.60 4.66
C THR B 52 33.85 -3.01 5.11
N PHE B 53 32.59 -3.44 4.98
CA PHE B 53 32.11 -4.65 5.63
C PHE B 53 31.50 -5.69 4.70
N THR B 54 30.94 -5.32 3.54
CA THR B 54 30.37 -6.36 2.69
C THR B 54 31.47 -7.25 2.12
N ASN B 55 32.65 -6.70 1.90
CA ASN B 55 33.79 -7.45 1.34
C ASN B 55 34.96 -7.27 2.28
N PRO B 56 35.44 -8.33 2.94
CA PRO B 56 36.59 -8.16 3.85
C PRO B 56 37.82 -7.61 3.17
N GLU B 57 38.06 -7.95 1.90
CA GLU B 57 39.28 -7.48 1.24
C GLU B 57 39.23 -5.98 1.00
N GLU B 58 38.05 -5.42 0.73
CA GLU B 58 37.89 -3.97 0.60
C GLU B 58 37.53 -3.33 1.93
N GLY B 59 38.13 -3.80 3.02
CA GLY B 59 37.82 -3.34 4.35
C GLY B 59 38.55 -2.09 4.78
N ASP B 60 39.17 -1.39 3.84
CA ASP B 60 39.89 -0.15 4.15
C ASP B 60 39.49 0.93 3.16
N LEU B 61 39.76 2.17 3.54
CA LEU B 61 39.48 3.33 2.73
C LEU B 61 40.78 3.94 2.21
N ASN B 62 41.84 3.16 2.20
CA ASN B 62 43.14 3.66 1.79
C ASN B 62 43.11 3.96 0.29
N PRO B 63 43.53 5.15 -0.12
CA PRO B 63 43.66 5.41 -1.56
C PRO B 63 44.80 4.59 -2.13
N PRO B 64 44.59 3.83 -3.20
CA PRO B 64 45.68 3.06 -3.78
C PRO B 64 46.83 3.98 -4.13
N PRO B 65 48.02 3.44 -4.40
CA PRO B 65 49.12 4.32 -4.79
C PRO B 65 48.70 5.17 -5.98
N GLU B 66 49.14 6.43 -5.98
CA GLU B 66 48.68 7.36 -7.01
C GLU B 66 48.98 6.82 -8.40
N ALA B 67 50.10 6.11 -8.55
CA ALA B 67 50.46 5.53 -9.85
C ALA B 67 49.50 4.42 -10.25
N LYS B 68 48.77 3.83 -9.29
CA LYS B 68 47.84 2.74 -9.55
C LYS B 68 46.42 3.22 -9.76
N GLN B 69 46.15 4.52 -9.63
CA GLN B 69 44.80 5.04 -9.74
C GLN B 69 44.40 5.25 -11.19
N VAL B 70 43.11 5.02 -11.47
CA VAL B 70 42.54 5.28 -12.79
C VAL B 70 41.95 6.69 -12.81
N PRO B 71 41.86 7.33 -13.98
CA PRO B 71 41.27 8.69 -14.01
C PRO B 71 39.86 8.74 -13.46
N VAL B 72 39.01 7.76 -13.77
CA VAL B 72 37.61 7.78 -13.31
C VAL B 72 37.61 7.11 -11.94
N SER B 73 37.98 7.90 -10.93
CA SER B 73 37.92 7.46 -9.54
C SER B 73 38.05 8.71 -8.67
N TYR B 74 37.60 8.58 -7.43
CA TYR B 74 37.74 9.66 -6.46
C TYR B 74 37.89 9.07 -5.07
N TYR B 75 38.90 9.53 -4.34
CA TYR B 75 39.21 9.01 -3.01
C TYR B 75 39.21 10.14 -1.99
N ASP B 76 38.59 9.87 -0.85
CA ASP B 76 38.62 10.79 0.30
C ASP B 76 38.29 9.95 1.53
N SER B 77 39.32 9.50 2.24
CA SER B 77 39.12 8.58 3.36
C SER B 77 38.29 9.19 4.47
N THR B 78 38.14 10.52 4.51
CA THR B 78 37.39 11.16 5.58
C THR B 78 35.91 11.33 5.27
N TYR B 79 35.49 11.08 4.03
CA TYR B 79 34.09 11.26 3.70
C TYR B 79 33.24 10.26 4.48
N LEU B 80 32.18 10.78 5.12
CA LEU B 80 31.23 9.94 5.85
C LEU B 80 31.83 9.35 7.12
N SER B 81 32.69 10.12 7.79
CA SER B 81 33.30 9.69 9.04
C SER B 81 32.63 10.26 10.28
N THR B 82 31.89 11.36 10.16
CA THR B 82 31.27 12.02 11.31
C THR B 82 29.76 11.76 11.31
N ASP B 83 29.16 11.91 12.50
CA ASP B 83 27.73 11.67 12.63
C ASP B 83 26.91 12.65 11.81
N ASN B 84 27.36 13.90 11.72
CA ASN B 84 26.65 14.87 10.88
C ASN B 84 26.64 14.42 9.43
N GLU B 85 27.75 13.87 8.94
CA GLU B 85 27.82 13.41 7.56
C GLU B 85 26.90 12.22 7.32
N LYS B 86 26.89 11.26 8.25
CA LYS B 86 26.04 10.08 8.07
C LYS B 86 24.57 10.48 8.13
N ASP B 87 24.24 11.44 9.00
CA ASP B 87 22.88 11.97 9.04
C ASP B 87 22.53 12.61 7.70
N ASN B 88 23.42 13.43 7.16
CA ASN B 88 23.16 14.07 5.88
C ASN B 88 23.06 13.05 4.77
N TYR B 89 23.89 12.00 4.83
CA TYR B 89 23.80 10.92 3.85
C TYR B 89 22.44 10.23 3.93
N LEU B 90 22.02 9.88 5.16
CA LEU B 90 20.74 9.22 5.35
C LEU B 90 19.60 10.06 4.77
N LYS B 91 19.57 11.34 5.11
CA LYS B 91 18.45 12.16 4.65
C LYS B 91 18.50 12.37 3.14
N GLY B 92 19.70 12.44 2.56
CA GLY B 92 19.80 12.59 1.12
C GLY B 92 19.30 11.37 0.37
N VAL B 93 19.64 10.17 0.85
CA VAL B 93 19.18 8.95 0.20
C VAL B 93 17.66 8.84 0.31
N ILE B 94 17.11 9.14 1.49
CA ILE B 94 15.65 9.13 1.64
C ILE B 94 15.02 10.12 0.66
N LYS B 95 15.62 11.31 0.53
CA LYS B 95 15.05 12.31 -0.36
C LYS B 95 15.03 11.82 -1.81
N LEU B 96 16.06 11.06 -2.21
CA LEU B 96 16.08 10.53 -3.57
C LEU B 96 15.04 9.44 -3.76
N PHE B 97 14.85 8.58 -2.75
CA PHE B 97 13.76 7.62 -2.83
C PHE B 97 12.41 8.32 -2.97
N ASP B 98 12.22 9.40 -2.22
CA ASP B 98 10.97 10.17 -2.32
C ASP B 98 10.83 10.80 -3.70
N ARG B 99 11.95 11.26 -4.28
CA ARG B 99 11.90 11.84 -5.62
C ARG B 99 11.56 10.76 -6.65
N ILE B 100 12.22 9.61 -6.57
CA ILE B 100 11.87 8.49 -7.46
C ILE B 100 10.41 8.11 -7.29
N TYR B 101 9.95 8.00 -6.03
CA TYR B 101 8.59 7.61 -5.76
C TYR B 101 7.56 8.64 -6.21
N SER B 102 7.99 9.88 -6.48
CA SER B 102 7.07 10.92 -6.92
C SER B 102 6.69 10.79 -8.38
N THR B 103 7.36 9.93 -9.14
CA THR B 103 7.00 9.66 -10.53
C THR B 103 6.23 8.35 -10.63
N GLY B 104 5.35 8.28 -11.64
CA GLY B 104 4.65 7.04 -11.87
C GLY B 104 5.60 5.88 -12.12
N LEU B 105 6.65 6.12 -12.89
CA LEU B 105 7.57 5.04 -13.24
C LEU B 105 8.41 4.62 -12.03
N GLY B 106 8.87 5.58 -11.23
CA GLY B 106 9.63 5.22 -10.04
C GLY B 106 8.77 4.49 -9.02
N ARG B 107 7.51 4.91 -8.90
CA ARG B 107 6.58 4.20 -8.03
C ARG B 107 6.43 2.75 -8.47
N MET B 108 6.36 2.53 -9.79
CA MET B 108 6.31 1.16 -10.31
C MET B 108 7.61 0.42 -10.04
N LEU B 109 8.75 1.08 -10.26
CA LEU B 109 10.04 0.45 -10.01
C LEU B 109 10.18 0.05 -8.55
N LEU B 110 9.84 0.96 -7.64
CA LEU B 110 9.97 0.63 -6.22
C LEU B 110 8.95 -0.41 -5.79
N SER B 111 7.79 -0.47 -6.45
CA SER B 111 6.82 -1.52 -6.13
C SER B 111 7.35 -2.89 -6.53
N PHE B 112 7.96 -3.00 -7.71
CA PHE B 112 8.60 -4.26 -8.10
C PHE B 112 9.71 -4.63 -7.13
N ILE B 113 10.48 -3.64 -6.66
CA ILE B 113 11.57 -3.94 -5.73
C ILE B 113 11.02 -4.46 -4.40
N VAL B 114 9.97 -3.82 -3.88
CA VAL B 114 9.43 -4.26 -2.60
C VAL B 114 8.78 -5.64 -2.73
N LYS B 115 8.11 -5.90 -3.85
CA LYS B 115 7.48 -7.21 -4.06
C LYS B 115 8.47 -8.30 -4.45
N GLY B 116 9.72 -7.96 -4.75
CA GLY B 116 10.63 -8.91 -5.37
C GLY B 116 11.41 -9.77 -4.39
N ILE B 117 10.71 -10.32 -3.40
CA ILE B 117 11.29 -11.22 -2.41
C ILE B 117 12.11 -12.31 -3.10
N PRO B 118 13.38 -12.49 -2.78
CA PRO B 118 14.15 -13.60 -3.34
C PRO B 118 13.47 -14.94 -3.11
N PHE B 119 13.53 -15.80 -4.12
CA PHE B 119 12.78 -17.05 -4.11
C PHE B 119 13.32 -18.00 -3.05
N TRP B 120 12.40 -18.74 -2.42
CA TRP B 120 12.75 -19.73 -1.39
C TRP B 120 13.09 -21.06 -2.06
N GLY B 121 14.25 -21.10 -2.72
CA GLY B 121 14.67 -22.30 -3.41
C GLY B 121 15.91 -22.94 -2.82
N GLY B 122 16.11 -22.78 -1.52
CA GLY B 122 17.32 -23.18 -0.83
C GLY B 122 17.31 -24.55 -0.17
N SER B 123 16.28 -25.36 -0.40
CA SER B 123 16.18 -26.63 0.32
C SER B 123 16.91 -27.74 -0.42
N THR B 124 17.45 -28.67 0.37
CA THR B 124 18.03 -29.89 -0.20
C THR B 124 16.94 -30.84 -0.67
N ILE B 125 15.76 -30.78 -0.05
CA ILE B 125 14.61 -31.58 -0.44
C ILE B 125 13.84 -30.82 -1.51
N ASP B 126 13.44 -31.54 -2.57
CA ASP B 126 12.82 -30.88 -3.72
C ASP B 126 11.42 -30.37 -3.39
N THR B 127 10.72 -31.03 -2.47
CA THR B 127 9.33 -30.70 -2.15
C THR B 127 9.21 -29.71 -0.99
N GLU B 128 10.31 -29.04 -0.63
CA GLU B 128 10.37 -28.22 0.57
C GLU B 128 10.85 -26.82 0.19
N LEU B 129 10.09 -25.80 0.58
CA LEU B 129 10.51 -24.42 0.41
C LEU B 129 11.36 -24.00 1.61
N LYS B 130 12.45 -23.29 1.33
CA LYS B 130 13.40 -22.91 2.36
C LYS B 130 14.13 -21.66 1.89
N VAL B 131 14.40 -20.75 2.81
CA VAL B 131 15.12 -19.52 2.46
C VAL B 131 16.55 -19.86 2.08
N ILE B 132 17.15 -19.01 1.25
CA ILE B 132 18.56 -19.06 0.90
C ILE B 132 19.29 -17.99 1.72
N ASP B 133 20.40 -18.37 2.36
CA ASP B 133 21.00 -17.56 3.41
C ASP B 133 21.54 -16.23 2.91
N THR B 134 21.74 -16.07 1.61
CA THR B 134 22.22 -14.80 1.09
C THR B 134 21.18 -13.70 1.15
N ASN B 135 19.96 -14.01 1.59
CA ASN B 135 18.86 -13.06 1.51
C ASN B 135 18.36 -12.59 2.87
N CYS B 136 19.20 -12.65 3.90
CA CYS B 136 18.81 -12.22 5.23
C CYS B 136 19.91 -11.35 5.83
N ILE B 137 19.54 -10.61 6.87
CA ILE B 137 20.52 -9.98 7.74
C ILE B 137 20.21 -10.44 9.17
N ASN B 138 21.19 -10.25 10.04
CA ASN B 138 21.03 -10.52 11.47
C ASN B 138 20.85 -9.19 12.19
N VAL B 139 19.72 -9.05 12.90
CA VAL B 139 19.40 -7.83 13.62
C VAL B 139 19.68 -8.07 15.09
N ILE B 140 20.49 -7.20 15.69
CA ILE B 140 20.88 -7.35 17.08
C ILE B 140 19.81 -6.80 18.01
N GLU B 141 19.51 -7.56 19.04
CA GLU B 141 18.47 -7.33 20.02
C GLU B 141 19.07 -7.00 21.37
N PRO B 142 18.25 -6.50 22.30
CA PRO B 142 18.75 -6.33 23.67
C PRO B 142 19.27 -7.65 24.21
N GLY B 143 20.49 -7.63 24.76
CA GLY B 143 21.15 -8.83 25.22
C GLY B 143 22.23 -9.34 24.30
N GLY B 144 22.42 -8.71 23.14
CA GLY B 144 23.45 -9.08 22.21
C GLY B 144 23.12 -10.26 21.31
N SER B 145 21.98 -10.91 21.51
CA SER B 145 21.54 -11.93 20.58
C SER B 145 20.94 -11.27 19.36
N TYR B 146 20.89 -12.01 18.27
CA TYR B 146 20.38 -11.50 17.02
C TYR B 146 19.25 -12.39 16.53
N ARG B 147 18.47 -11.86 15.61
CA ARG B 147 17.44 -12.60 14.91
C ARG B 147 17.67 -12.44 13.42
N SER B 148 17.22 -13.41 12.65
CA SER B 148 17.32 -13.35 11.20
C SER B 148 16.07 -12.73 10.61
N GLU B 149 16.26 -11.81 9.66
CA GLU B 149 15.17 -11.08 9.03
C GLU B 149 15.43 -10.98 7.54
N GLU B 150 14.41 -11.29 6.74
CA GLU B 150 14.52 -11.19 5.29
C GLU B 150 14.49 -9.73 4.85
N LEU B 151 15.15 -9.45 3.72
CA LEU B 151 15.10 -8.13 3.11
C LEU B 151 15.46 -8.25 1.63
N ASN B 152 15.09 -7.21 0.88
CA ASN B 152 15.33 -7.16 -0.55
C ASN B 152 16.49 -6.25 -0.96
N LEU B 153 16.72 -5.17 -0.23
CA LEU B 153 17.60 -4.12 -0.73
C LEU B 153 18.28 -3.40 0.43
N VAL B 154 19.58 -3.17 0.27
CA VAL B 154 20.39 -2.38 1.21
C VAL B 154 21.14 -1.33 0.41
N ILE B 155 21.08 -0.08 0.87
CA ILE B 155 21.89 1.01 0.34
C ILE B 155 22.99 1.29 1.34
N THR B 156 24.24 1.25 0.90
CA THR B 156 25.37 1.64 1.73
C THR B 156 26.16 2.76 1.05
N GLY B 157 27.00 3.42 1.86
CA GLY B 157 27.96 4.35 1.35
C GLY B 157 29.04 3.64 0.56
N PRO B 158 29.81 4.39 -0.21
CA PRO B 158 30.84 3.76 -1.05
C PRO B 158 31.99 3.20 -0.23
N SER B 159 32.78 2.36 -0.88
CA SER B 159 34.03 1.86 -0.31
C SER B 159 35.13 2.89 -0.58
N ALA B 160 36.35 2.42 -0.82
CA ALA B 160 37.46 3.35 -1.02
C ALA B 160 37.18 4.31 -2.16
N ASP B 161 36.80 3.79 -3.32
CA ASP B 161 36.48 4.64 -4.47
C ASP B 161 35.08 5.20 -4.29
N ILE B 162 34.99 6.49 -4.02
CA ILE B 162 33.72 7.11 -3.63
C ILE B 162 32.71 7.10 -4.76
N ILE B 163 33.18 7.10 -6.02
CA ILE B 163 32.27 7.20 -7.16
C ILE B 163 32.08 5.86 -7.86
N GLN B 164 32.56 4.77 -7.26
CA GLN B 164 32.31 3.44 -7.80
C GLN B 164 30.96 2.97 -7.24
N PHE B 165 29.90 3.43 -7.90
CA PHE B 165 28.56 2.98 -7.56
C PHE B 165 28.28 1.66 -8.26
N GLU B 166 27.71 0.71 -7.52
CA GLU B 166 27.49 -0.61 -8.07
C GLU B 166 26.43 -1.33 -7.24
N CYS B 167 25.83 -2.33 -7.87
CA CYS B 167 24.80 -3.17 -7.24
C CYS B 167 25.33 -4.59 -7.21
N LYS B 168 25.52 -5.12 -5.99
CA LYS B 168 26.18 -6.39 -5.78
C LYS B 168 25.34 -7.28 -4.88
N SER B 169 25.68 -8.57 -4.88
CA SER B 169 24.98 -9.53 -4.03
C SER B 169 25.92 -10.69 -3.70
N PHE B 170 25.59 -11.38 -2.61
CA PHE B 170 26.43 -12.44 -2.09
C PHE B 170 26.19 -13.76 -2.81
N GLY B 171 27.25 -14.57 -2.88
CA GLY B 171 27.20 -15.80 -3.63
C GLY B 171 27.24 -15.59 -5.13
N HIS B 172 27.65 -14.41 -5.59
CA HIS B 172 27.69 -14.17 -7.02
C HIS B 172 28.72 -15.05 -7.71
N ASP B 173 29.74 -15.49 -6.98
CA ASP B 173 30.77 -16.36 -7.56
C ASP B 173 30.28 -17.79 -7.76
N VAL B 174 29.50 -18.31 -6.82
CA VAL B 174 29.13 -19.73 -6.83
C VAL B 174 27.66 -19.96 -7.18
N PHE B 175 26.79 -18.97 -6.99
CA PHE B 175 25.37 -19.08 -7.27
C PHE B 175 25.03 -18.30 -8.54
N ASN B 176 23.93 -18.69 -9.19
CA ASN B 176 23.36 -17.94 -10.30
C ASN B 176 22.04 -17.26 -9.96
N LEU B 177 21.86 -16.86 -8.70
CA LEU B 177 20.56 -16.36 -8.26
C LEU B 177 20.11 -15.12 -9.04
N THR B 178 21.05 -14.33 -9.55
CA THR B 178 20.67 -13.12 -10.27
C THR B 178 20.25 -13.39 -11.72
N ARG B 179 20.39 -14.64 -12.19
CA ARG B 179 20.12 -14.97 -13.58
C ARG B 179 19.20 -16.15 -13.78
N ASN B 180 18.81 -16.87 -12.73
CA ASN B 180 17.98 -18.06 -12.86
C ASN B 180 16.52 -17.79 -12.45
N GLY B 181 16.13 -16.54 -12.32
CA GLY B 181 14.78 -16.18 -11.94
C GLY B 181 14.53 -16.10 -10.45
N TYR B 182 15.45 -16.58 -9.61
CA TYR B 182 15.21 -16.59 -8.17
C TYR B 182 15.36 -15.20 -7.57
N GLY B 183 16.46 -14.54 -7.88
CA GLY B 183 16.80 -13.28 -7.25
C GLY B 183 17.49 -13.47 -5.91
N SER B 184 18.14 -12.40 -5.46
CA SER B 184 18.84 -12.39 -4.19
C SER B 184 18.86 -10.96 -3.67
N THR B 185 19.06 -10.82 -2.37
CA THR B 185 19.14 -9.51 -1.75
C THR B 185 20.28 -8.70 -2.37
N GLN B 186 20.00 -7.45 -2.70
CA GLN B 186 20.94 -6.60 -3.42
C GLN B 186 21.51 -5.52 -2.50
N TYR B 187 22.79 -5.24 -2.67
CA TYR B 187 23.53 -4.25 -1.91
C TYR B 187 24.08 -3.20 -2.87
N ILE B 188 23.65 -1.96 -2.72
CA ILE B 188 24.06 -0.87 -3.60
C ILE B 188 25.03 0.05 -2.85
N ARG B 189 26.22 0.24 -3.42
CA ARG B 189 27.11 1.31 -2.99
C ARG B 189 26.72 2.58 -3.71
N PHE B 190 26.49 3.66 -2.96
CA PHE B 190 25.95 4.87 -3.56
C PHE B 190 26.18 6.05 -2.60
N SER B 191 26.33 7.24 -3.19
CA SER B 191 26.45 8.46 -2.41
C SER B 191 25.53 9.52 -3.01
N PRO B 192 24.69 10.17 -2.20
CA PRO B 192 23.92 11.33 -2.69
C PRO B 192 24.70 12.64 -2.61
N ASP B 193 25.96 12.60 -2.20
CA ASP B 193 26.76 13.78 -1.90
C ASP B 193 27.69 14.16 -3.04
N PHE B 194 27.74 13.36 -4.10
CA PHE B 194 28.56 13.64 -5.27
C PHE B 194 27.74 13.30 -6.51
N THR B 195 28.04 14.00 -7.60
CA THR B 195 27.49 13.60 -8.89
C THR B 195 28.50 13.96 -9.97
N PHE B 196 28.18 13.55 -11.20
CA PHE B 196 29.09 13.70 -12.33
C PHE B 196 28.63 14.82 -13.24
N GLY B 197 29.60 15.43 -13.90
CA GLY B 197 29.35 16.41 -14.94
C GLY B 197 29.60 15.80 -16.31
N PHE B 198 28.86 16.30 -17.29
CA PHE B 198 29.02 15.85 -18.67
C PHE B 198 28.75 17.03 -19.59
N GLU B 199 29.19 16.91 -20.83
CA GLU B 199 28.91 17.92 -21.85
C GLU B 199 27.80 17.41 -22.75
N GLU B 200 27.01 18.33 -23.27
CA GLU B 200 25.91 17.96 -24.14
C GLU B 200 26.46 17.42 -25.47
N SER B 201 25.78 16.41 -26.01
CA SER B 201 26.33 15.50 -27.00
C SER B 201 27.20 16.21 -28.03
N LEU B 202 28.32 15.56 -28.36
CA LEU B 202 29.23 16.02 -29.40
C LEU B 202 29.23 15.05 -30.57
N GLY B 213 32.49 19.90 -18.58
CA GLY B 213 31.43 19.37 -17.76
C GLY B 213 30.41 20.43 -17.39
N THR B 214 29.69 20.94 -18.40
CA THR B 214 28.76 22.03 -18.16
C THR B 214 27.53 21.60 -17.37
N PHE B 215 27.10 20.34 -17.50
CA PHE B 215 25.86 19.88 -16.87
C PHE B 215 26.10 18.73 -15.91
N ALA B 216 25.38 18.75 -14.79
CA ALA B 216 25.50 17.75 -13.76
C ALA B 216 24.33 16.77 -13.80
N THR B 217 24.64 15.48 -13.67
CA THR B 217 23.61 14.45 -13.64
C THR B 217 22.82 14.55 -12.34
N ASP B 218 21.50 14.45 -12.46
CA ASP B 218 20.65 14.43 -11.27
C ASP B 218 20.93 13.17 -10.49
N PRO B 219 21.29 13.24 -9.21
CA PRO B 219 21.57 12.00 -8.45
C PRO B 219 20.38 11.06 -8.38
N ALA B 220 19.16 11.55 -8.59
CA ALA B 220 18.01 10.66 -8.61
C ALA B 220 18.07 9.72 -9.81
N VAL B 221 18.58 10.20 -10.94
CA VAL B 221 18.76 9.33 -12.11
C VAL B 221 19.81 8.27 -11.81
N THR B 222 20.90 8.65 -11.15
CA THR B 222 21.96 7.70 -10.84
C THR B 222 21.47 6.60 -9.90
N LEU B 223 20.71 6.97 -8.87
CA LEU B 223 20.14 5.96 -7.98
C LEU B 223 19.13 5.10 -8.71
N ALA B 224 18.26 5.71 -9.52
CA ALA B 224 17.27 4.92 -10.27
C ALA B 224 17.97 3.90 -11.14
N HIS B 225 19.08 4.30 -11.77
CA HIS B 225 19.88 3.37 -12.55
C HIS B 225 20.30 2.16 -11.72
N GLN B 226 20.90 2.39 -10.55
CA GLN B 226 21.32 1.26 -9.71
C GLN B 226 20.11 0.43 -9.27
N LEU B 227 18.99 1.08 -8.98
CA LEU B 227 17.79 0.34 -8.60
C LEU B 227 17.28 -0.53 -9.73
N ILE B 228 17.49 -0.12 -10.98
CA ILE B 228 17.08 -0.97 -12.10
C ILE B 228 17.94 -2.22 -12.14
N HIS B 229 19.25 -2.09 -11.93
CA HIS B 229 20.10 -3.27 -11.75
C HIS B 229 19.55 -4.15 -10.62
N ALA B 230 19.19 -3.52 -9.49
CA ALA B 230 18.68 -4.29 -8.36
C ALA B 230 17.42 -5.05 -8.71
N ALA B 231 16.52 -4.41 -9.46
CA ALA B 231 15.27 -5.06 -9.86
C ALA B 231 15.54 -6.25 -10.77
N HIS B 232 16.40 -6.06 -11.78
CA HIS B 232 16.80 -7.19 -12.61
C HIS B 232 17.32 -8.34 -11.77
N ARG B 233 18.14 -8.03 -10.78
CA ARG B 233 18.79 -9.09 -10.00
C ARG B 233 17.86 -9.67 -8.94
N LEU B 234 16.90 -8.90 -8.44
CA LEU B 234 15.90 -9.44 -7.52
C LEU B 234 14.93 -10.37 -8.24
N TYR B 235 14.74 -10.18 -9.55
CA TYR B 235 13.89 -11.04 -10.35
C TYR B 235 14.69 -12.08 -11.14
N GLY B 236 16.00 -12.14 -10.93
CA GLY B 236 16.80 -13.21 -11.50
C GLY B 236 16.88 -13.18 -13.02
N ILE B 237 16.83 -12.00 -13.63
CA ILE B 237 16.84 -11.88 -15.08
C ILE B 237 18.02 -11.05 -15.58
N ALA B 238 19.03 -10.85 -14.75
CA ALA B 238 20.23 -10.12 -15.17
C ALA B 238 20.91 -10.86 -16.31
N ILE B 239 21.48 -10.12 -17.26
CA ILE B 239 22.18 -10.74 -18.36
C ILE B 239 23.56 -11.16 -17.91
N ASN B 240 23.98 -12.36 -18.33
CA ASN B 240 25.27 -12.89 -17.98
C ASN B 240 26.36 -11.83 -18.19
N PRO B 241 27.17 -11.53 -17.17
CA PRO B 241 28.19 -10.47 -17.33
C PRO B 241 29.28 -10.78 -18.34
N ASN B 242 29.37 -12.00 -18.85
CA ASN B 242 30.29 -12.29 -19.94
C ASN B 242 29.68 -11.94 -21.30
N ARG B 243 28.43 -11.48 -21.33
CA ARG B 243 27.83 -10.91 -22.53
C ARG B 243 28.26 -9.45 -22.58
N VAL B 244 29.19 -9.14 -23.48
CA VAL B 244 29.87 -7.85 -23.49
C VAL B 244 30.03 -7.34 -24.91
N LEU B 245 30.04 -6.01 -25.04
CA LEU B 245 30.41 -5.35 -26.29
C LEU B 245 31.81 -4.79 -26.13
N LYS B 246 32.75 -5.31 -26.91
CA LYS B 246 34.14 -4.88 -26.88
C LYS B 246 34.52 -4.29 -28.23
N VAL B 247 35.04 -3.06 -28.22
CA VAL B 247 35.49 -2.40 -29.44
C VAL B 247 36.95 -2.05 -29.25
N LYS B 248 37.75 -2.27 -30.29
CA LYS B 248 39.17 -1.96 -30.27
C LYS B 248 39.59 -1.37 -31.61
N THR B 249 40.62 -0.54 -31.56
CA THR B 249 41.31 -0.05 -32.74
C THR B 249 42.79 -0.47 -32.66
N ASN B 250 43.60 0.06 -33.56
CA ASN B 250 45.02 -0.23 -33.55
C ASN B 250 45.63 0.13 -32.20
N ALA B 251 46.57 -0.69 -31.75
CA ALA B 251 47.15 -0.50 -30.43
C ALA B 251 47.94 0.80 -30.31
N TYR B 252 48.28 1.45 -31.42
CA TYR B 252 49.04 2.69 -31.36
C TYR B 252 48.14 3.92 -31.40
N TYR B 253 46.82 3.72 -31.49
CA TYR B 253 45.84 4.80 -31.42
C TYR B 253 45.69 5.28 -29.98
N GLU B 254 45.66 6.60 -29.78
CA GLU B 254 45.45 7.15 -28.45
C GLU B 254 44.11 6.73 -27.86
N MET B 255 43.05 6.71 -28.67
CA MET B 255 41.72 6.51 -28.12
C MET B 255 41.57 5.08 -27.60
N SER B 256 41.25 4.94 -26.32
CA SER B 256 41.18 3.65 -25.66
C SER B 256 40.02 2.83 -26.20
N GLY B 257 40.24 1.52 -26.33
CA GLY B 257 39.12 0.66 -26.64
C GLY B 257 38.13 0.70 -25.50
N LEU B 258 36.95 0.13 -25.73
CA LEU B 258 35.88 0.19 -24.74
C LEU B 258 35.29 -1.19 -24.48
N GLU B 259 34.76 -1.34 -23.27
CA GLU B 259 34.07 -2.56 -22.88
C GLU B 259 32.80 -2.14 -22.15
N VAL B 260 31.65 -2.66 -22.59
CA VAL B 260 30.37 -2.40 -21.93
C VAL B 260 29.53 -3.66 -21.98
N SER B 261 29.03 -4.10 -20.83
CA SER B 261 28.24 -5.31 -20.77
C SER B 261 26.87 -5.10 -21.41
N PHE B 262 26.29 -6.20 -21.91
CA PHE B 262 24.92 -6.14 -22.38
C PHE B 262 23.96 -5.70 -21.27
N GLU B 263 24.20 -6.17 -20.04
CA GLU B 263 23.35 -5.76 -18.93
C GLU B 263 23.34 -4.24 -18.78
N GLU B 264 24.50 -3.61 -19.00
CA GLU B 264 24.55 -2.15 -18.91
C GLU B 264 23.89 -1.49 -20.11
N LEU B 265 24.08 -2.05 -21.31
CA LEU B 265 23.40 -1.52 -22.49
C LEU B 265 21.89 -1.57 -22.30
N ARG B 266 21.37 -2.66 -21.74
CA ARG B 266 19.94 -2.78 -21.51
C ARG B 266 19.47 -1.75 -20.47
N THR B 267 20.19 -1.66 -19.35
CA THR B 267 19.74 -0.84 -18.23
C THR B 267 19.74 0.66 -18.58
N PHE B 268 20.76 1.12 -19.30
CA PHE B 268 20.80 2.53 -19.69
C PHE B 268 19.66 2.85 -20.64
N GLY B 269 19.44 2.01 -21.64
CA GLY B 269 18.30 2.16 -22.52
C GLY B 269 18.63 2.96 -23.77
N GLY B 270 17.57 3.42 -24.43
CA GLY B 270 17.70 4.24 -25.61
C GLY B 270 18.47 3.53 -26.71
N ASN B 271 19.33 4.29 -27.39
CA ASN B 271 20.03 3.77 -28.56
C ASN B 271 21.11 2.76 -28.20
N ASP B 272 21.62 2.79 -26.96
CA ASP B 272 22.62 1.80 -26.56
C ASP B 272 22.05 0.39 -26.60
N THR B 273 20.78 0.24 -26.20
CA THR B 273 20.17 -1.08 -26.20
C THR B 273 20.11 -1.67 -27.60
N ASN B 274 20.05 -0.81 -28.61
CA ASN B 274 19.97 -1.30 -29.98
C ASN B 274 21.26 -1.96 -30.44
N PHE B 275 22.36 -1.76 -29.72
CA PHE B 275 23.57 -2.51 -30.02
C PHE B 275 23.41 -4.00 -29.75
N ILE B 276 22.42 -4.39 -28.95
CA ILE B 276 22.16 -5.81 -28.70
C ILE B 276 21.28 -6.33 -29.84
N ASP B 277 21.81 -7.28 -30.59
CA ASP B 277 21.07 -7.84 -31.72
C ASP B 277 19.77 -8.49 -31.24
N SER B 278 18.77 -8.45 -32.11
CA SER B 278 17.46 -9.03 -31.78
C SER B 278 17.56 -10.50 -31.41
N LEU B 279 18.53 -11.23 -31.98
CA LEU B 279 18.63 -12.65 -31.65
C LEU B 279 19.06 -12.85 -30.21
N TRP B 280 19.93 -11.97 -29.70
CA TRP B 280 20.26 -12.03 -28.28
C TRP B 280 19.04 -11.72 -27.43
N GLN B 281 18.26 -10.70 -27.81
CA GLN B 281 17.07 -10.35 -27.05
C GLN B 281 16.09 -11.52 -26.96
N LYS B 282 15.86 -12.21 -28.09
CA LYS B 282 14.96 -13.35 -28.06
C LYS B 282 15.47 -14.42 -27.12
N LYS B 283 16.78 -14.67 -27.11
CA LYS B 283 17.34 -15.67 -26.23
C LYS B 283 17.14 -15.29 -24.76
N PHE B 284 17.46 -14.04 -24.41
CA PHE B 284 17.28 -13.62 -23.02
C PHE B 284 15.83 -13.76 -22.58
N SER B 285 14.89 -13.42 -23.45
CA SER B 285 13.48 -13.57 -23.12
C SER B 285 13.13 -15.04 -22.92
N ARG B 286 13.52 -15.90 -23.86
CA ARG B 286 13.26 -17.34 -23.71
C ARG B 286 13.84 -17.88 -22.42
N ASP B 287 15.07 -17.49 -22.08
CA ASP B 287 15.68 -18.00 -20.86
C ASP B 287 14.87 -17.58 -19.63
N ALA B 288 14.41 -16.33 -19.60
CA ALA B 288 13.63 -15.86 -18.46
C ALA B 288 12.29 -16.59 -18.37
N TYR B 289 11.66 -16.83 -19.53
CA TYR B 289 10.42 -17.60 -19.55
C TYR B 289 10.64 -19.01 -19.03
N ASP B 290 11.71 -19.66 -19.46
CA ASP B 290 11.99 -21.02 -19.00
C ASP B 290 12.21 -21.06 -17.51
N ASN B 291 12.90 -20.05 -16.96
CA ASN B 291 13.19 -20.06 -15.53
C ASN B 291 11.93 -19.82 -14.70
N LEU B 292 10.97 -19.05 -15.22
CA LEU B 292 9.69 -18.95 -14.52
C LEU B 292 8.94 -20.27 -14.53
N GLN B 293 9.01 -21.01 -15.64
CA GLN B 293 8.41 -22.34 -15.67
C GLN B 293 9.01 -23.24 -14.60
N ASN B 294 10.32 -23.17 -14.40
CA ASN B 294 10.95 -23.95 -13.34
C ASN B 294 10.40 -23.52 -11.97
N ILE B 295 10.30 -22.22 -11.74
CA ILE B 295 9.78 -21.73 -10.47
C ILE B 295 8.34 -22.18 -10.29
N ALA B 296 7.53 -22.11 -11.35
CA ALA B 296 6.16 -22.59 -11.27
C ALA B 296 6.12 -24.07 -10.92
N ARG B 297 6.99 -24.87 -11.54
CA ARG B 297 7.04 -26.30 -11.25
C ARG B 297 7.42 -26.55 -9.79
N ILE B 298 8.34 -25.74 -9.24
CA ILE B 298 8.76 -25.94 -7.86
C ILE B 298 7.63 -25.59 -6.90
N LEU B 299 6.88 -24.53 -7.21
CA LEU B 299 5.73 -24.16 -6.39
C LEU B 299 4.64 -25.21 -6.45
N ASN B 300 4.37 -25.77 -7.63
CA ASN B 300 3.35 -26.81 -7.75
C ASN B 300 3.73 -28.05 -6.97
N GLU B 301 5.01 -28.41 -6.97
CA GLU B 301 5.49 -29.61 -6.29
C GLU B 301 5.79 -29.37 -4.80
N ALA B 302 5.73 -28.12 -4.34
CA ALA B 302 6.03 -27.83 -2.94
C ALA B 302 4.91 -28.36 -2.04
N LYS B 303 5.28 -29.14 -1.03
CA LYS B 303 4.34 -29.66 -0.05
C LYS B 303 4.63 -29.20 1.37
N THR B 304 5.85 -28.78 1.68
CA THR B 304 6.20 -28.28 3.00
C THR B 304 7.00 -26.99 2.90
N ILE B 305 7.10 -26.31 4.04
CA ILE B 305 7.91 -25.11 4.20
C ILE B 305 8.54 -25.18 5.57
N VAL B 306 9.77 -24.68 5.69
CA VAL B 306 10.54 -24.80 6.92
C VAL B 306 11.17 -23.45 7.25
N GLY B 307 11.42 -23.24 8.55
CA GLY B 307 12.07 -22.03 9.00
C GLY B 307 11.14 -20.87 9.19
N THR B 308 9.83 -21.11 9.32
CA THR B 308 8.87 -20.03 9.48
C THR B 308 7.52 -20.62 9.87
N THR B 309 6.71 -19.80 10.54
CA THR B 309 5.32 -20.13 10.80
C THR B 309 4.38 -19.60 9.72
N THR B 310 4.91 -18.93 8.71
CA THR B 310 4.08 -18.50 7.59
C THR B 310 3.58 -19.74 6.85
N PRO B 311 2.27 -19.89 6.65
CA PRO B 311 1.78 -21.10 5.99
C PRO B 311 2.33 -21.23 4.57
N LEU B 312 2.42 -22.49 4.12
CA LEU B 312 2.92 -22.75 2.78
C LEU B 312 2.17 -21.94 1.73
N GLN B 313 0.83 -21.89 1.87
CA GLN B 313 0.04 -21.26 0.82
C GLN B 313 0.31 -19.76 0.75
N TYR B 314 0.56 -19.11 1.89
CA TYR B 314 0.86 -17.69 1.88
C TYR B 314 2.17 -17.41 1.13
N MET B 315 3.17 -18.27 1.31
CA MET B 315 4.44 -18.07 0.60
C MET B 315 4.28 -18.36 -0.89
N LYS B 316 3.49 -19.38 -1.25
CA LYS B 316 3.21 -19.59 -2.67
C LYS B 316 2.55 -18.37 -3.28
N ASN B 317 1.61 -17.75 -2.55
CA ASN B 317 0.94 -16.57 -3.08
C ASN B 317 1.92 -15.41 -3.23
N ILE B 318 2.90 -15.30 -2.34
CA ILE B 318 3.90 -14.24 -2.46
C ILE B 318 4.61 -14.31 -3.81
N PHE B 319 4.96 -15.52 -4.25
CA PHE B 319 5.71 -15.67 -5.49
C PHE B 319 4.80 -15.73 -6.71
N ILE B 320 3.56 -16.17 -6.53
CA ILE B 320 2.57 -16.02 -7.59
C ILE B 320 2.43 -14.55 -7.97
N ARG B 321 2.35 -13.67 -6.96
CA ARG B 321 2.25 -12.24 -7.24
C ARG B 321 3.57 -11.69 -7.79
N LYS B 322 4.69 -12.10 -7.19
CA LYS B 322 5.98 -11.56 -7.63
C LYS B 322 6.18 -11.74 -9.13
N TYR B 323 5.91 -12.94 -9.62
CA TYR B 323 6.19 -13.30 -11.00
C TYR B 323 4.95 -13.25 -11.88
N PHE B 324 3.85 -12.73 -11.36
CA PHE B 324 2.61 -12.59 -12.13
C PHE B 324 2.19 -13.92 -12.72
N LEU B 325 2.24 -14.96 -11.89
CA LEU B 325 1.89 -16.29 -12.34
C LEU B 325 0.37 -16.47 -12.36
N SER B 326 -0.07 -17.42 -13.18
CA SER B 326 -1.48 -17.76 -13.30
C SER B 326 -1.83 -18.96 -12.44
N GLU B 327 -3.08 -19.00 -11.99
CA GLU B 327 -3.63 -20.13 -11.27
C GLU B 327 -4.92 -20.53 -11.98
N ASP B 328 -5.06 -21.83 -12.24
CA ASP B 328 -6.27 -22.33 -12.87
C ASP B 328 -7.23 -22.82 -11.79
N ALA B 329 -8.36 -23.39 -12.22
CA ALA B 329 -9.39 -23.80 -11.27
C ALA B 329 -8.89 -24.83 -10.29
N SER B 330 -7.97 -25.70 -10.70
CA SER B 330 -7.47 -26.76 -9.85
C SER B 330 -6.32 -26.33 -8.94
N GLY B 331 -5.92 -25.05 -8.98
CA GLY B 331 -4.83 -24.58 -8.15
C GLY B 331 -3.45 -24.74 -8.75
N LYS B 332 -3.36 -25.21 -9.99
CA LYS B 332 -2.07 -25.42 -10.65
C LYS B 332 -1.51 -24.08 -11.12
N ILE B 333 -0.26 -23.82 -10.78
CA ILE B 333 0.41 -22.57 -11.12
C ILE B 333 1.11 -22.75 -12.46
N SER B 334 1.07 -21.70 -13.27
CA SER B 334 1.72 -21.73 -14.58
C SER B 334 2.05 -20.31 -15.01
N VAL B 335 2.79 -20.22 -16.11
CA VAL B 335 3.19 -18.94 -16.70
C VAL B 335 2.24 -18.64 -17.85
N ASN B 336 1.57 -17.50 -17.77
CA ASN B 336 0.73 -17.03 -18.86
C ASN B 336 1.59 -16.23 -19.83
N LYS B 337 1.50 -16.57 -21.12
CA LYS B 337 2.41 -15.99 -22.10
C LYS B 337 2.26 -14.48 -22.17
N ALA B 338 1.03 -13.99 -22.21
CA ALA B 338 0.82 -12.54 -22.26
C ALA B 338 1.30 -11.87 -20.98
N ALA B 339 1.04 -12.49 -19.83
CA ALA B 339 1.48 -11.91 -18.57
C ALA B 339 3.00 -11.86 -18.48
N PHE B 340 3.67 -12.89 -18.98
CA PHE B 340 5.13 -12.86 -18.98
C PHE B 340 5.66 -11.79 -19.92
N LYS B 341 5.08 -11.68 -21.12
CA LYS B 341 5.55 -10.70 -22.08
C LYS B 341 5.54 -9.30 -21.48
N GLU B 342 4.44 -8.94 -20.81
CA GLU B 342 4.36 -7.64 -20.15
C GLU B 342 5.30 -7.56 -18.96
N PHE B 343 5.34 -8.61 -18.14
CA PHE B 343 6.29 -8.69 -17.03
C PHE B 343 7.71 -8.39 -17.49
N TYR B 344 8.15 -9.08 -18.55
CA TYR B 344 9.52 -8.91 -19.02
C TYR B 344 9.72 -7.54 -19.63
N ARG B 345 8.73 -7.04 -20.37
CA ARG B 345 8.83 -5.71 -20.96
C ARG B 345 9.02 -4.65 -19.90
N VAL B 346 8.20 -4.69 -18.85
CA VAL B 346 8.30 -3.69 -17.78
C VAL B 346 9.70 -3.68 -17.20
N LEU B 347 10.21 -4.87 -16.87
CA LEU B 347 11.49 -4.97 -16.17
C LEU B 347 12.67 -4.56 -17.07
N THR B 348 12.61 -4.86 -18.36
CA THR B 348 13.75 -4.68 -19.25
C THR B 348 13.63 -3.45 -20.15
N ARG B 349 12.42 -3.03 -20.50
CA ARG B 349 12.20 -1.91 -21.41
C ARG B 349 11.56 -0.72 -20.74
N GLY B 350 10.64 -0.94 -19.80
CA GLY B 350 10.04 0.17 -19.09
C GLY B 350 10.99 0.81 -18.10
N PHE B 351 11.74 -0.03 -17.37
CA PHE B 351 12.73 0.44 -16.40
C PHE B 351 14.08 0.59 -17.09
N THR B 352 14.36 1.79 -17.62
CA THR B 352 15.69 2.15 -18.07
C THR B 352 16.06 3.52 -17.53
N GLU B 353 17.36 3.83 -17.54
CA GLU B 353 17.79 5.16 -17.12
C GLU B 353 17.14 6.24 -17.97
N LEU B 354 17.12 6.04 -19.29
CA LEU B 354 16.61 7.07 -20.19
C LEU B 354 15.11 7.25 -20.05
N GLU B 355 14.38 6.21 -19.62
CA GLU B 355 12.95 6.38 -19.42
C GLU B 355 12.65 7.27 -18.21
N PHE B 356 13.61 7.49 -17.32
CA PHE B 356 13.41 8.38 -16.19
C PHE B 356 13.72 9.84 -16.50
N VAL B 357 14.31 10.13 -17.65
CA VAL B 357 14.81 11.48 -17.92
C VAL B 357 13.66 12.48 -17.97
N ASN B 358 12.60 12.14 -18.69
CA ASN B 358 11.49 13.07 -18.85
C ASN B 358 10.61 13.12 -17.60
N PRO B 359 10.35 12.00 -16.93
CA PRO B 359 9.64 12.09 -15.64
C PRO B 359 10.35 12.98 -14.63
N PHE B 360 11.69 12.94 -14.59
CA PHE B 360 12.46 13.81 -13.71
C PHE B 360 12.63 15.22 -14.27
N LYS B 361 12.34 15.43 -15.55
CA LYS B 361 12.45 16.75 -16.17
C LYS B 361 13.88 17.27 -16.14
N VAL B 362 14.84 16.40 -16.47
CA VAL B 362 16.26 16.73 -16.39
C VAL B 362 16.89 16.63 -17.76
N ILE B 363 18.08 17.23 -17.87
CA ILE B 363 18.99 16.94 -18.97
C ILE B 363 19.90 15.80 -18.53
N ASN B 364 20.30 14.96 -19.47
CA ASN B 364 20.99 13.72 -19.12
C ASN B 364 21.81 13.29 -20.33
N ARG B 365 22.83 12.48 -20.06
CA ARG B 365 23.56 11.83 -21.14
C ARG B 365 22.60 10.97 -21.97
N LYS B 366 22.93 10.81 -23.25
CA LYS B 366 22.11 10.03 -24.18
C LYS B 366 22.72 8.67 -24.50
N THR B 367 23.97 8.43 -24.13
CA THR B 367 24.66 7.20 -24.47
C THR B 367 25.86 7.05 -23.55
N PHE B 368 26.31 5.80 -23.39
CA PHE B 368 27.52 5.59 -22.61
C PHE B 368 28.75 6.12 -23.34
N LEU B 369 28.67 6.26 -24.66
CA LEU B 369 29.81 6.78 -25.41
C LEU B 369 30.07 8.25 -25.15
N ASN B 370 29.21 8.89 -24.36
CA ASN B 370 29.43 10.24 -23.86
C ASN B 370 29.89 10.11 -22.41
N PHE B 371 31.20 10.16 -22.20
CA PHE B 371 31.75 9.92 -20.88
C PHE B 371 31.72 11.16 -20.00
N ASP B 372 31.50 10.92 -18.70
CA ASP B 372 31.54 11.99 -17.73
C ASP B 372 32.89 12.70 -17.75
N LYS B 373 32.86 14.00 -17.50
CA LYS B 373 34.05 14.83 -17.51
C LYS B 373 34.62 15.08 -16.13
N ALA B 374 33.80 15.02 -15.08
CA ALA B 374 34.25 15.42 -13.75
C ALA B 374 33.27 14.93 -12.70
N VAL B 375 33.71 14.98 -11.45
CA VAL B 375 32.87 14.71 -10.28
C VAL B 375 32.75 15.99 -9.48
N PHE B 376 31.55 16.28 -9.02
CA PHE B 376 31.25 17.48 -8.26
C PHE B 376 30.70 17.09 -6.89
N ARG B 377 31.03 17.90 -5.89
CA ARG B 377 30.36 17.82 -4.61
C ARG B 377 29.02 18.55 -4.69
N ILE B 378 27.98 17.94 -4.13
CA ILE B 378 26.65 18.52 -4.10
C ILE B 378 26.10 18.41 -2.70
N ASN B 379 24.96 19.09 -2.47
CA ASN B 379 24.25 19.00 -1.19
C ASN B 379 22.76 19.15 -1.49
N ILE B 380 22.03 18.03 -1.53
CA ILE B 380 20.64 18.05 -1.96
C ILE B 380 19.64 18.14 -0.81
N VAL B 381 20.07 18.02 0.43
CA VAL B 381 19.14 17.97 1.55
C VAL B 381 18.39 19.29 1.71
N PRO B 382 19.05 20.45 1.61
CA PRO B 382 18.30 21.71 1.75
C PRO B 382 17.39 21.93 0.55
N ASP B 383 16.13 22.28 0.83
CA ASP B 383 15.15 22.48 -0.23
C ASP B 383 15.49 23.67 -1.13
N GLU B 384 16.27 24.63 -0.64
CA GLU B 384 16.69 25.73 -1.50
C GLU B 384 17.68 25.29 -2.56
N ASN B 385 18.26 24.09 -2.43
CA ASN B 385 19.17 23.54 -3.44
C ASN B 385 18.50 22.51 -4.35
N TYR B 386 17.57 21.72 -3.81
CA TYR B 386 17.09 20.52 -4.51
C TYR B 386 15.80 20.08 -3.85
N THR B 387 14.74 19.90 -4.66
CA THR B 387 13.44 19.49 -4.17
C THR B 387 13.08 18.11 -4.69
N ILE B 388 12.12 17.49 -4.02
CA ILE B 388 11.60 16.19 -4.43
C ILE B 388 10.99 16.28 -5.83
N ASN B 389 10.26 17.35 -6.10
CA ASN B 389 9.50 17.48 -7.34
C ASN B 389 10.26 18.13 -8.49
N GLU B 390 11.32 18.90 -8.22
CA GLU B 390 12.04 19.60 -9.27
C GLU B 390 13.52 19.28 -9.33
N GLY B 391 14.06 18.52 -8.38
CA GLY B 391 15.49 18.32 -8.35
C GLY B 391 16.21 19.65 -8.27
N PHE B 392 17.26 19.78 -9.09
CA PHE B 392 18.01 21.03 -9.13
C PHE B 392 17.29 22.14 -9.87
N ASN B 393 16.30 21.81 -10.70
CA ASN B 393 15.70 22.77 -11.62
C ASN B 393 14.52 23.49 -10.96
N LEU B 394 14.85 24.25 -9.92
CA LEU B 394 13.85 24.99 -9.17
C LEU B 394 13.31 26.17 -9.98
N GLU B 395 14.13 26.73 -10.87
CA GLU B 395 13.80 28.01 -11.50
C GLU B 395 12.56 27.88 -12.38
N GLY B 396 12.52 26.85 -13.23
CA GLY B 396 11.45 26.71 -14.18
C GLY B 396 11.60 25.41 -14.94
N ALA B 397 10.77 25.25 -15.97
CA ALA B 397 10.81 24.05 -16.81
C ALA B 397 12.01 24.16 -17.75
N ASN B 398 13.20 24.01 -17.17
CA ASN B 398 14.45 24.01 -17.92
C ASN B 398 15.46 23.20 -17.13
N SER B 399 16.71 23.18 -17.63
CA SER B 399 17.80 22.48 -16.95
C SER B 399 18.91 23.46 -16.52
N ASN B 400 18.55 24.72 -16.30
CA ASN B 400 19.53 25.68 -15.79
C ASN B 400 20.04 25.31 -14.40
N GLY B 401 19.20 24.63 -13.61
CA GLY B 401 19.66 24.15 -12.31
C GLY B 401 20.76 23.11 -12.40
N GLN B 402 20.83 22.39 -13.52
CA GLN B 402 21.88 21.40 -13.71
C GLN B 402 23.11 21.97 -14.39
N ASN B 403 23.06 23.22 -14.83
CA ASN B 403 24.22 23.86 -15.43
C ASN B 403 25.22 24.21 -14.33
N THR B 404 26.41 23.60 -14.38
CA THR B 404 27.39 23.78 -13.32
C THR B 404 28.04 25.16 -13.34
N GLU B 405 27.82 25.95 -14.40
CA GLU B 405 28.28 27.32 -14.44
C GLU B 405 27.26 28.27 -13.83
N ILE B 406 26.02 28.22 -14.30
CA ILE B 406 24.97 29.09 -13.77
C ILE B 406 24.72 28.80 -12.30
N ASN B 407 24.43 27.55 -11.99
CA ASN B 407 24.15 27.10 -10.62
C ASN B 407 25.43 26.66 -9.91
N SER B 408 26.47 27.49 -10.03
CA SER B 408 27.80 27.10 -9.58
C SER B 408 27.85 26.87 -8.07
N ARG B 409 26.98 27.55 -7.32
CA ARG B 409 27.00 27.42 -5.86
C ARG B 409 26.58 26.03 -5.40
N ASN B 410 25.92 25.25 -6.26
CA ASN B 410 25.48 23.90 -5.92
C ASN B 410 26.41 22.81 -6.41
N PHE B 411 27.49 23.16 -7.12
CA PHE B 411 28.39 22.16 -7.69
C PHE B 411 29.83 22.61 -7.48
N THR B 412 30.52 21.96 -6.55
CA THR B 412 31.94 22.21 -6.31
C THR B 412 32.75 21.15 -7.05
N ARG B 413 33.56 21.59 -8.00
CA ARG B 413 34.34 20.67 -8.82
C ARG B 413 35.48 20.07 -7.99
N LEU B 414 35.53 18.74 -7.93
CA LEU B 414 36.55 18.04 -7.17
C LEU B 414 37.63 17.40 -8.04
N LYS B 415 37.28 16.87 -9.21
CA LYS B 415 38.24 16.17 -10.03
C LYS B 415 37.72 16.09 -11.46
N ASN B 416 38.61 16.35 -12.42
CA ASN B 416 38.32 16.13 -13.83
C ASN B 416 38.85 14.76 -14.24
N PHE B 417 38.11 14.09 -15.13
CA PHE B 417 38.55 12.78 -15.61
C PHE B 417 39.38 12.84 -16.88
N THR B 418 39.37 13.96 -17.60
CA THR B 418 40.21 14.11 -18.78
C THR B 418 41.67 14.28 -18.37
#